data_5D4Y
#
_entry.id   5D4Y
#
_cell.length_a   53.386
_cell.length_b   78.442
_cell.length_c   88.724
_cell.angle_alpha   90.00
_cell.angle_beta   100.49
_cell.angle_gamma   90.00
#
_symmetry.space_group_name_H-M   'P 1 21 1'
#
loop_
_entity.id
_entity.type
_entity.pdbx_description
1 polymer xylanase
2 branched beta-D-xylopyranose-(1-4)-beta-D-xylopyranose
3 water water
#
_entity_poly.entity_id   1
_entity_poly.type   'polypeptide(L)'
_entity_poly.pdbx_seq_one_letter_code
;MAHHHHHHVDDDDKMAQGLKDAYKDYFKIGVAVNNRNVADPDQIKVVLREFNSITAENAMKPQPTEPKKGEFNWEDADKI
ADFCRANGIKMRGHTLMWHSQIGSWMYQDEKGNLLSKEEFYANMKHHIQAIVNRYKDVVYCWDVVNEAVADSPVYPGRPE
LRNSPMYQIAGEEFIYKAFEYAHEADPDALLFYNDYNDAEPAKSQRIYNLVKRMKDAGVPIDGIGMQAHYNVYGPTMKEV
DDAIKLYSTVVDHIHLTELDIRINEDMGGGLRFNQGQATVSDWERTLQQDQYVQLFKVLRKHKDVIDCVTFWNVSDKDSW
LGVRNYPLLFDENYKPKQAYNAVKNFDPKMDNAVI
;
_entity_poly.pdbx_strand_id   A,B
#
loop_
_chem_comp.id
_chem_comp.type
_chem_comp.name
_chem_comp.formula
XYP D-saccharide, beta linking beta-D-xylopyranose 'C5 H10 O5'
#
# COMPACT_ATOMS: atom_id res chain seq x y z
N GLN A 17 -44.71 -1.83 -6.49
CA GLN A 17 -43.85 -0.63 -6.82
C GLN A 17 -42.68 -0.49 -5.83
N GLY A 18 -41.48 -0.82 -6.29
CA GLY A 18 -40.31 -0.92 -5.42
C GLY A 18 -39.12 -0.05 -5.75
N LEU A 19 -37.96 -0.47 -5.25
CA LEU A 19 -36.75 0.32 -5.28
C LEU A 19 -36.41 0.70 -6.67
N LYS A 20 -36.41 -0.27 -7.58
CA LYS A 20 -36.05 -0.01 -8.99
C LYS A 20 -36.81 1.14 -9.61
N ASP A 21 -38.08 1.24 -9.27
CA ASP A 21 -38.99 2.21 -9.84
C ASP A 21 -38.62 3.56 -9.25
N ALA A 22 -38.45 3.62 -7.94
CA ALA A 22 -37.94 4.85 -7.29
C ALA A 22 -36.66 5.47 -7.89
N TYR A 23 -35.68 4.63 -8.28
CA TYR A 23 -34.35 5.06 -8.83
C TYR A 23 -34.22 4.94 -10.37
N LYS A 24 -35.34 4.62 -11.04
CA LYS A 24 -35.46 4.59 -12.52
C LYS A 24 -34.74 5.72 -13.27
N ASP A 25 -34.79 6.95 -12.76
CA ASP A 25 -34.16 8.07 -13.43
C ASP A 25 -32.74 8.35 -12.94
N TYR A 26 -32.19 7.40 -12.16
CA TYR A 26 -30.89 7.57 -11.51
C TYR A 26 -29.98 6.46 -11.94
N PHE A 27 -30.42 5.24 -11.68
CA PHE A 27 -29.62 4.03 -11.96
C PHE A 27 -30.37 2.79 -11.59
N LYS A 28 -29.94 1.70 -12.19
CA LYS A 28 -30.50 0.42 -11.84
C LYS A 28 -30.22 0.05 -10.36
N ILE A 29 -31.10 -0.82 -9.83
CA ILE A 29 -30.88 -1.44 -8.55
C ILE A 29 -30.86 -2.94 -8.70
N GLY A 30 -29.84 -3.57 -8.18
CA GLY A 30 -29.62 -5.00 -8.43
C GLY A 30 -29.41 -5.75 -7.15
N VAL A 31 -29.22 -7.06 -7.29
CA VAL A 31 -29.04 -7.93 -6.14
C VAL A 31 -28.31 -9.18 -6.59
N ALA A 32 -27.34 -9.64 -5.79
CA ALA A 32 -26.73 -10.97 -6.06
C ALA A 32 -27.70 -12.00 -5.62
N VAL A 33 -27.79 -13.11 -6.35
CA VAL A 33 -28.75 -14.15 -5.97
C VAL A 33 -28.09 -15.50 -5.86
N ASN A 34 -28.77 -16.38 -5.14
CA ASN A 34 -28.39 -17.79 -5.07
C ASN A 34 -29.47 -18.64 -5.72
N ASN A 35 -29.28 -19.96 -5.77
CA ASN A 35 -30.20 -20.85 -6.51
C ASN A 35 -31.63 -20.69 -6.02
N ARG A 36 -31.76 -20.66 -4.70
CA ARG A 36 -33.05 -20.58 -4.03
C ARG A 36 -33.79 -19.23 -4.19
N ASN A 37 -33.06 -18.13 -4.34
CA ASN A 37 -33.70 -16.84 -4.55
C ASN A 37 -34.53 -16.80 -5.85
N VAL A 38 -34.07 -17.52 -6.87
CA VAL A 38 -34.81 -17.58 -8.14
C VAL A 38 -35.67 -18.83 -8.28
N ALA A 39 -35.81 -19.60 -7.21
CA ALA A 39 -36.60 -20.85 -7.26
C ALA A 39 -37.74 -20.89 -6.28
N ASP A 40 -37.71 -20.03 -5.28
CA ASP A 40 -38.72 -19.97 -4.24
C ASP A 40 -39.67 -18.77 -4.50
N PRO A 41 -40.95 -19.05 -4.85
CA PRO A 41 -42.00 -18.05 -5.07
C PRO A 41 -41.96 -16.85 -4.16
N ASP A 42 -41.77 -17.07 -2.86
CA ASP A 42 -41.88 -16.01 -1.83
C ASP A 42 -40.75 -14.98 -1.99
N GLN A 43 -39.59 -15.49 -2.40
CA GLN A 43 -38.37 -14.72 -2.65
C GLN A 43 -38.41 -14.14 -4.05
N ILE A 44 -38.91 -14.90 -5.00
CA ILE A 44 -39.05 -14.41 -6.36
C ILE A 44 -39.99 -13.18 -6.40
N LYS A 45 -41.02 -13.15 -5.56
CA LYS A 45 -41.94 -12.04 -5.61
C LYS A 45 -41.23 -10.74 -5.25
N VAL A 46 -40.26 -10.86 -4.34
CA VAL A 46 -39.52 -9.72 -3.84
C VAL A 46 -38.52 -9.24 -4.91
N VAL A 47 -37.76 -10.19 -5.43
CA VAL A 47 -36.69 -9.90 -6.36
C VAL A 47 -37.20 -9.18 -7.61
N LEU A 48 -38.30 -9.65 -8.17
CA LEU A 48 -38.89 -9.01 -9.33
C LEU A 48 -39.48 -7.63 -9.00
N ARG A 49 -39.97 -7.45 -7.79
CA ARG A 49 -40.62 -6.21 -7.42
C ARG A 49 -39.61 -5.10 -7.30
N GLU A 50 -38.42 -5.43 -6.77
CA GLU A 50 -37.48 -4.41 -6.27
C GLU A 50 -36.26 -4.11 -7.14
N PHE A 51 -35.92 -5.03 -8.02
CA PHE A 51 -34.62 -5.01 -8.69
C PHE A 51 -34.76 -5.08 -10.20
N ASN A 52 -33.87 -4.41 -10.92
CA ASN A 52 -33.79 -4.55 -12.37
C ASN A 52 -32.37 -4.92 -12.82
N SER A 53 -31.64 -5.61 -11.95
CA SER A 53 -30.38 -6.23 -12.32
C SER A 53 -30.05 -7.35 -11.34
N ILE A 54 -29.32 -8.32 -11.81
CA ILE A 54 -29.10 -9.51 -11.04
C ILE A 54 -27.65 -9.91 -11.18
N THR A 55 -27.05 -10.31 -10.09
CA THR A 55 -25.72 -10.93 -10.14
C THR A 55 -25.73 -12.32 -9.57
N ALA A 56 -25.02 -13.27 -10.15
CA ALA A 56 -24.90 -14.62 -9.46
C ALA A 56 -23.97 -14.46 -8.25
N GLU A 57 -24.46 -14.71 -7.06
CA GLU A 57 -23.58 -14.67 -5.92
C GLU A 57 -22.38 -15.63 -6.09
N ASN A 58 -22.60 -16.83 -6.63
CA ASN A 58 -21.49 -17.83 -6.80
C ASN A 58 -21.35 -18.57 -8.14
N ALA A 59 -22.46 -18.70 -8.87
CA ALA A 59 -22.56 -19.65 -10.00
C ALA A 59 -21.75 -19.33 -11.24
N MET A 60 -21.18 -18.12 -11.34
CA MET A 60 -20.32 -17.76 -12.46
C MET A 60 -18.87 -17.59 -12.09
N LYS A 61 -18.54 -17.85 -10.83
CA LYS A 61 -17.16 -17.80 -10.44
C LYS A 61 -16.34 -18.97 -11.04
N PRO A 62 -15.02 -18.83 -11.12
CA PRO A 62 -14.19 -19.76 -11.85
C PRO A 62 -14.17 -21.21 -11.34
N GLN A 63 -14.12 -21.44 -10.04
CA GLN A 63 -14.19 -22.84 -9.56
C GLN A 63 -15.59 -23.43 -9.69
N PRO A 64 -16.65 -22.62 -9.43
CA PRO A 64 -17.97 -23.17 -9.60
C PRO A 64 -18.25 -23.55 -11.05
N THR A 65 -17.71 -22.82 -12.01
CA THR A 65 -17.92 -23.15 -13.42
C THR A 65 -16.85 -24.06 -14.05
N GLU A 66 -15.63 -24.13 -13.54
CA GLU A 66 -14.63 -25.01 -14.17
C GLU A 66 -13.77 -25.67 -13.09
N PRO A 67 -14.36 -26.60 -12.34
CA PRO A 67 -13.67 -27.17 -11.19
C PRO A 67 -12.51 -28.05 -11.59
N LYS A 68 -12.51 -28.56 -12.82
CA LYS A 68 -11.33 -29.17 -13.40
C LYS A 68 -11.10 -28.60 -14.78
N LYS A 69 -9.87 -28.71 -15.25
CA LYS A 69 -9.53 -28.16 -16.55
C LYS A 69 -10.46 -28.65 -17.65
N GLY A 70 -11.14 -27.73 -18.31
CA GLY A 70 -12.04 -28.09 -19.39
C GLY A 70 -13.35 -28.76 -18.98
N GLU A 71 -13.60 -28.95 -17.68
CA GLU A 71 -14.83 -29.64 -17.27
C GLU A 71 -15.90 -28.70 -16.72
N PHE A 72 -16.55 -27.95 -17.62
CA PHE A 72 -17.49 -26.89 -17.20
C PHE A 72 -18.75 -27.40 -16.54
N ASN A 73 -19.15 -26.72 -15.47
CA ASN A 73 -20.44 -26.94 -14.78
C ASN A 73 -21.46 -25.74 -14.95
N TRP A 74 -22.46 -25.83 -15.80
CA TRP A 74 -23.34 -24.68 -16.00
C TRP A 74 -24.63 -24.77 -15.25
N GLU A 75 -24.82 -25.81 -14.44
CA GLU A 75 -26.14 -26.11 -13.84
C GLU A 75 -26.67 -24.91 -13.08
N ASP A 76 -25.93 -24.48 -12.07
CA ASP A 76 -26.41 -23.43 -11.20
C ASP A 76 -26.57 -22.08 -11.93
N ALA A 77 -25.58 -21.73 -12.73
CA ALA A 77 -25.63 -20.48 -13.47
C ALA A 77 -26.74 -20.44 -14.51
N ASP A 78 -27.05 -21.59 -15.10
CA ASP A 78 -28.11 -21.64 -16.07
C ASP A 78 -29.46 -21.33 -15.43
N LYS A 79 -29.71 -21.87 -14.23
CA LYS A 79 -30.98 -21.59 -13.56
C LYS A 79 -31.19 -20.10 -13.42
N ILE A 80 -30.12 -19.38 -13.09
CA ILE A 80 -30.18 -17.96 -12.77
C ILE A 80 -30.30 -17.11 -14.01
N ALA A 81 -29.57 -17.48 -15.03
CA ALA A 81 -29.75 -16.87 -16.33
C ALA A 81 -31.17 -17.12 -16.84
N ASP A 82 -31.62 -18.37 -16.73
CA ASP A 82 -32.98 -18.72 -17.10
C ASP A 82 -33.93 -17.67 -16.52
N PHE A 83 -33.79 -17.43 -15.22
CA PHE A 83 -34.71 -16.57 -14.52
C PHE A 83 -34.66 -15.15 -15.09
N CYS A 84 -33.46 -14.72 -15.43
CA CYS A 84 -33.28 -13.40 -16.01
C CYS A 84 -33.83 -13.34 -17.43
N ARG A 85 -33.44 -14.28 -18.30
CA ARG A 85 -34.02 -14.36 -19.67
C ARG A 85 -35.53 -14.18 -19.65
N ALA A 86 -36.20 -14.93 -18.79
CA ALA A 86 -37.65 -14.90 -18.71
C ALA A 86 -38.26 -13.61 -18.20
N ASN A 87 -37.60 -12.88 -17.33
CA ASN A 87 -38.23 -11.70 -16.75
C ASN A 87 -37.75 -10.37 -17.38
N GLY A 88 -36.99 -10.48 -18.46
CA GLY A 88 -36.49 -9.33 -19.21
C GLY A 88 -35.55 -8.51 -18.35
N ILE A 89 -34.74 -9.19 -17.55
CA ILE A 89 -33.73 -8.51 -16.73
C ILE A 89 -32.38 -8.88 -17.30
N LYS A 90 -31.46 -7.93 -17.32
CA LYS A 90 -30.07 -8.24 -17.67
C LYS A 90 -29.14 -8.53 -16.46
N MET A 91 -28.19 -9.42 -16.65
CA MET A 91 -27.26 -9.75 -15.58
C MET A 91 -25.91 -9.01 -15.60
N ARG A 92 -25.38 -8.86 -14.41
CA ARG A 92 -23.98 -8.62 -14.28
C ARG A 92 -23.32 -9.98 -14.18
N GLY A 93 -22.15 -10.12 -14.79
CA GLY A 93 -21.42 -11.38 -14.75
C GLY A 93 -20.35 -11.28 -13.70
N HIS A 94 -20.54 -11.99 -12.61
CA HIS A 94 -19.54 -11.94 -11.57
C HIS A 94 -18.73 -13.24 -11.55
N THR A 95 -17.52 -13.06 -11.06
CA THR A 95 -16.30 -12.80 -11.85
C THR A 95 -15.53 -13.85 -12.67
N LEU A 96 -14.84 -13.36 -13.74
CA LEU A 96 -14.02 -14.16 -14.63
C LEU A 96 -12.61 -14.47 -14.13
N MET A 97 -12.03 -13.60 -13.34
CA MET A 97 -10.71 -13.85 -12.78
C MET A 97 -10.66 -13.34 -11.35
N TRP A 98 -10.15 -14.18 -10.44
CA TRP A 98 -10.06 -13.85 -9.03
C TRP A 98 -9.14 -14.84 -8.31
N HIS A 99 -8.42 -14.36 -7.30
CA HIS A 99 -7.55 -15.24 -6.48
C HIS A 99 -8.32 -16.16 -5.53
N SER A 100 -9.64 -15.98 -5.38
CA SER A 100 -10.46 -16.90 -4.62
C SER A 100 -11.49 -17.56 -5.51
N GLN A 101 -12.16 -18.55 -4.94
CA GLN A 101 -13.05 -19.47 -5.65
C GLN A 101 -12.57 -19.78 -7.04
N ILE A 102 -11.32 -20.23 -7.09
CA ILE A 102 -10.67 -20.57 -8.33
C ILE A 102 -9.97 -21.94 -8.23
N GLY A 103 -10.02 -22.69 -9.31
CA GLY A 103 -9.44 -24.01 -9.34
C GLY A 103 -7.94 -23.83 -9.42
N SER A 104 -7.22 -24.50 -8.50
CA SER A 104 -5.73 -24.49 -8.47
C SER A 104 -5.15 -24.83 -9.82
N TRP A 105 -5.83 -25.71 -10.55
CA TRP A 105 -5.37 -26.15 -11.86
C TRP A 105 -5.05 -25.03 -12.84
N MET A 106 -5.70 -23.87 -12.72
CA MET A 106 -5.53 -22.80 -13.71
C MET A 106 -4.11 -22.24 -13.70
N TYR A 107 -3.54 -22.13 -12.51
CA TYR A 107 -2.27 -21.47 -12.33
C TYR A 107 -1.16 -22.42 -11.83
N GLN A 108 -1.50 -23.70 -11.63
CA GLN A 108 -0.51 -24.73 -11.26
C GLN A 108 -0.97 -26.11 -11.74
N GLY A 112 2.21 -29.10 -7.65
CA GLY A 112 2.60 -28.08 -6.69
C GLY A 112 3.06 -26.78 -7.34
N ASN A 113 3.72 -26.88 -8.49
CA ASN A 113 4.46 -25.75 -9.05
C ASN A 113 3.62 -24.82 -9.92
N LEU A 114 4.02 -23.55 -9.97
CA LEU A 114 3.37 -22.58 -10.85
C LEU A 114 3.61 -22.99 -12.30
N LEU A 115 2.68 -22.63 -13.17
CA LEU A 115 2.80 -22.89 -14.61
C LEU A 115 3.49 -21.73 -15.31
N SER A 116 3.67 -21.87 -16.62
CA SER A 116 4.21 -20.81 -17.45
C SER A 116 3.20 -19.71 -17.76
N LYS A 117 3.69 -18.50 -17.95
CA LYS A 117 2.86 -17.40 -18.44
C LYS A 117 1.93 -17.90 -19.51
N GLU A 118 2.44 -18.74 -20.39
CA GLU A 118 1.74 -19.12 -21.60
C GLU A 118 0.67 -20.17 -21.32
N GLU A 119 1.05 -21.21 -20.57
CA GLU A 119 0.12 -22.23 -20.14
C GLU A 119 -1.02 -21.61 -19.31
N PHE A 120 -0.68 -20.60 -18.48
CA PHE A 120 -1.69 -19.82 -17.71
C PHE A 120 -2.64 -18.98 -18.58
N TYR A 121 -2.08 -18.19 -19.48
CA TYR A 121 -2.89 -17.35 -20.36
C TYR A 121 -3.89 -18.21 -21.13
N ALA A 122 -3.53 -19.46 -21.42
CA ALA A 122 -4.40 -20.34 -22.21
C ALA A 122 -5.55 -20.82 -21.35
N ASN A 123 -5.23 -21.29 -20.16
CA ASN A 123 -6.24 -21.66 -19.19
C ASN A 123 -7.19 -20.50 -18.92
N MET A 124 -6.66 -19.27 -18.88
CA MET A 124 -7.50 -18.09 -18.63
C MET A 124 -8.33 -17.70 -19.84
N LYS A 125 -7.77 -17.84 -21.04
CA LYS A 125 -8.42 -17.46 -22.29
C LYS A 125 -9.55 -18.44 -22.56
N HIS A 126 -9.25 -19.72 -22.37
CA HIS A 126 -10.21 -20.82 -22.60
C HIS A 126 -11.43 -20.63 -21.73
N HIS A 127 -11.19 -20.28 -20.48
CA HIS A 127 -12.24 -20.09 -19.50
C HIS A 127 -13.11 -18.85 -19.77
N ILE A 128 -12.47 -17.72 -19.92
CA ILE A 128 -13.18 -16.49 -20.15
C ILE A 128 -14.04 -16.62 -21.38
N GLN A 129 -13.44 -17.04 -22.47
CA GLN A 129 -14.13 -17.08 -23.74
C GLN A 129 -15.35 -18.02 -23.70
N ALA A 130 -15.19 -19.21 -23.14
CA ALA A 130 -16.37 -20.11 -23.00
C ALA A 130 -17.58 -19.37 -22.37
N ILE A 131 -17.37 -18.98 -21.11
CA ILE A 131 -18.38 -18.41 -20.23
C ILE A 131 -18.99 -17.13 -20.77
N VAL A 132 -18.19 -16.27 -21.36
CA VAL A 132 -18.71 -15.03 -21.89
C VAL A 132 -19.62 -15.30 -23.09
N ASN A 133 -19.21 -16.26 -23.91
CA ASN A 133 -19.99 -16.60 -25.07
C ASN A 133 -21.25 -17.25 -24.61
N ARG A 134 -21.14 -18.15 -23.65
CA ARG A 134 -22.36 -18.80 -23.17
C ARG A 134 -23.46 -17.85 -22.72
N TYR A 135 -23.12 -16.79 -21.99
CA TYR A 135 -24.16 -15.92 -21.41
C TYR A 135 -24.20 -14.51 -21.99
N LYS A 136 -23.49 -14.25 -23.09
CA LYS A 136 -23.50 -12.91 -23.73
C LYS A 136 -24.92 -12.38 -24.12
N ASP A 137 -25.91 -13.25 -24.19
CA ASP A 137 -27.28 -12.82 -24.45
C ASP A 137 -28.00 -12.15 -23.27
N VAL A 138 -27.64 -12.51 -22.02
CA VAL A 138 -28.20 -11.86 -20.79
C VAL A 138 -27.24 -10.96 -20.05
N VAL A 139 -25.94 -11.29 -20.02
CA VAL A 139 -24.99 -10.47 -19.29
C VAL A 139 -24.79 -9.13 -20.01
N TYR A 140 -25.02 -7.99 -19.35
CA TYR A 140 -24.72 -6.68 -19.93
C TYR A 140 -23.33 -6.15 -19.57
N CYS A 141 -22.76 -6.61 -18.44
CA CYS A 141 -21.39 -6.27 -18.03
C CYS A 141 -20.76 -7.38 -17.25
N TRP A 142 -19.44 -7.38 -17.20
CA TRP A 142 -18.67 -8.43 -16.56
C TRP A 142 -17.65 -7.81 -15.61
N ASP A 143 -17.66 -8.22 -14.35
CA ASP A 143 -16.52 -8.02 -13.40
C ASP A 143 -15.39 -8.95 -13.83
N VAL A 144 -14.46 -8.41 -14.61
CA VAL A 144 -13.50 -9.22 -15.35
C VAL A 144 -12.39 -9.72 -14.44
N VAL A 145 -11.91 -8.83 -13.60
CA VAL A 145 -10.88 -9.14 -12.62
C VAL A 145 -11.31 -8.56 -11.30
N ASN A 146 -10.98 -9.28 -10.24
CA ASN A 146 -11.57 -9.05 -8.96
C ASN A 146 -10.43 -8.96 -7.95
N GLU A 147 -10.38 -7.90 -7.17
CA GLU A 147 -9.55 -7.85 -5.97
C GLU A 147 -8.06 -8.05 -6.26
N ALA A 148 -7.60 -7.42 -7.33
CA ALA A 148 -6.20 -7.54 -7.78
C ALA A 148 -5.23 -6.55 -7.12
N VAL A 149 -5.76 -5.41 -6.68
CA VAL A 149 -4.99 -4.41 -5.99
C VAL A 149 -4.73 -4.79 -4.55
N ALA A 150 -3.55 -4.47 -4.06
CA ALA A 150 -3.15 -4.91 -2.73
C ALA A 150 -3.77 -4.11 -1.60
N ASP A 151 -3.94 -4.80 -0.48
CA ASP A 151 -4.49 -4.21 0.73
C ASP A 151 -3.52 -3.22 1.34
N SER A 152 -4.07 -2.27 2.10
CA SER A 152 -3.32 -1.14 2.61
C SER A 152 -2.63 -1.37 3.92
N PRO A 153 -1.33 -1.59 3.85
CA PRO A 153 -0.39 -0.51 3.97
C PRO A 153 0.54 -0.82 2.81
N VAL A 154 0.67 0.05 1.82
CA VAL A 154 1.68 -0.18 0.77
C VAL A 154 2.68 0.96 0.86
N TYR A 155 3.92 0.64 1.23
CA TYR A 155 4.95 1.66 1.46
C TYR A 155 5.59 2.15 0.15
N PRO A 156 5.39 3.46 -0.24
CA PRO A 156 5.62 3.97 -1.62
C PRO A 156 6.80 3.29 -2.35
N GLY A 157 6.64 3.06 -3.66
CA GLY A 157 7.60 2.27 -4.42
C GLY A 157 7.36 0.74 -4.38
N ARG A 158 6.80 0.23 -3.28
CA ARG A 158 6.47 -1.19 -3.18
C ARG A 158 5.33 -1.56 -4.15
N PRO A 159 5.17 -2.88 -4.45
CA PRO A 159 4.21 -3.28 -5.47
C PRO A 159 2.78 -2.95 -5.11
N GLU A 160 2.10 -2.25 -6.01
CA GLU A 160 0.69 -1.87 -5.84
C GLU A 160 -0.30 -3.05 -5.87
N LEU A 161 0.06 -4.14 -6.55
CA LEU A 161 -0.87 -5.26 -6.77
C LEU A 161 -0.69 -6.38 -5.78
N ARG A 162 -1.77 -7.12 -5.56
CA ARG A 162 -1.80 -8.22 -4.64
C ARG A 162 -0.98 -9.33 -5.22
N ASN A 163 -0.13 -9.91 -4.40
CA ASN A 163 0.81 -10.92 -4.87
C ASN A 163 0.18 -12.32 -4.97
N SER A 164 -0.88 -12.46 -5.77
CA SER A 164 -1.51 -13.76 -6.07
C SER A 164 -0.64 -14.61 -6.99
N PRO A 165 -0.94 -15.90 -7.05
CA PRO A 165 -0.24 -16.74 -8.02
C PRO A 165 -0.22 -16.19 -9.45
N MET A 166 -1.36 -15.68 -9.92
CA MET A 166 -1.48 -15.06 -11.25
C MET A 166 -0.52 -13.89 -11.45
N TYR A 167 -0.37 -13.07 -10.42
CA TYR A 167 0.62 -12.00 -10.47
C TYR A 167 2.01 -12.57 -10.49
N GLN A 168 2.27 -13.55 -9.64
CA GLN A 168 3.59 -14.18 -9.59
C GLN A 168 4.10 -14.71 -10.92
N ILE A 169 3.16 -15.17 -11.73
CA ILE A 169 3.46 -15.62 -13.07
C ILE A 169 3.47 -14.44 -14.04
N ALA A 170 2.40 -13.67 -14.09
CA ALA A 170 2.22 -12.74 -15.22
C ALA A 170 2.60 -11.33 -14.89
N GLY A 171 2.65 -11.04 -13.61
CA GLY A 171 2.72 -9.66 -13.16
C GLY A 171 1.37 -9.04 -13.45
N GLU A 172 1.37 -7.75 -13.71
CA GLU A 172 0.17 -7.00 -13.92
C GLU A 172 -0.38 -7.33 -15.28
N GLU A 173 0.39 -8.04 -16.08
CA GLU A 173 0.00 -8.24 -17.47
C GLU A 173 -1.26 -9.11 -17.58
N PHE A 174 -1.44 -10.05 -16.68
CA PHE A 174 -2.59 -10.94 -16.77
C PHE A 174 -3.94 -10.22 -16.68
N ILE A 175 -4.02 -9.11 -15.97
CA ILE A 175 -5.26 -8.30 -15.97
C ILE A 175 -5.62 -7.77 -17.36
N TYR A 176 -4.59 -7.26 -18.06
CA TYR A 176 -4.73 -6.75 -19.41
C TYR A 176 -5.27 -7.86 -20.34
N LYS A 177 -4.67 -9.05 -20.25
CA LYS A 177 -5.08 -10.17 -21.09
C LYS A 177 -6.52 -10.54 -20.79
N ALA A 178 -6.85 -10.68 -19.51
CA ALA A 178 -8.22 -10.97 -19.14
C ALA A 178 -9.21 -9.95 -19.75
N PHE A 179 -8.94 -8.66 -19.67
CA PHE A 179 -9.85 -7.70 -20.29
C PHE A 179 -9.86 -7.85 -21.81
N GLU A 180 -8.72 -8.12 -22.43
CA GLU A 180 -8.68 -8.32 -23.89
C GLU A 180 -9.46 -9.59 -24.30
N TYR A 181 -9.19 -10.72 -23.64
CA TYR A 181 -9.90 -11.96 -23.91
C TYR A 181 -11.44 -11.81 -23.79
N ALA A 182 -11.93 -11.11 -22.79
CA ALA A 182 -13.37 -10.94 -22.63
C ALA A 182 -13.96 -10.01 -23.67
N HIS A 183 -13.14 -9.05 -24.13
CA HIS A 183 -13.60 -8.07 -25.12
C HIS A 183 -13.82 -8.72 -26.48
N GLU A 184 -12.90 -9.65 -26.82
CA GLU A 184 -12.97 -10.46 -28.04
C GLU A 184 -14.29 -11.24 -28.05
N ALA A 185 -14.53 -11.98 -26.95
CA ALA A 185 -15.72 -12.80 -26.79
C ALA A 185 -17.00 -12.02 -26.78
N ASP A 186 -17.00 -10.75 -26.37
CA ASP A 186 -18.20 -9.92 -26.50
C ASP A 186 -17.89 -8.43 -26.51
N PRO A 187 -17.79 -7.84 -27.69
CA PRO A 187 -17.50 -6.43 -27.77
C PRO A 187 -18.58 -5.48 -27.27
N ASP A 188 -19.80 -5.97 -27.03
CA ASP A 188 -20.91 -5.07 -26.61
C ASP A 188 -21.08 -4.97 -25.09
N ALA A 189 -20.36 -5.82 -24.35
CA ALA A 189 -20.49 -5.85 -22.91
C ALA A 189 -19.59 -4.78 -22.35
N LEU A 190 -20.03 -4.13 -21.28
CA LEU A 190 -19.18 -3.23 -20.51
C LEU A 190 -18.29 -4.07 -19.58
N LEU A 191 -16.97 -3.88 -19.64
CA LEU A 191 -16.04 -4.67 -18.81
C LEU A 191 -15.47 -3.85 -17.64
N PHE A 192 -15.68 -4.33 -16.41
CA PHE A 192 -15.25 -3.62 -15.19
C PHE A 192 -14.07 -4.24 -14.45
N TYR A 193 -13.34 -3.40 -13.72
CA TYR A 193 -12.44 -3.85 -12.66
C TYR A 193 -13.14 -3.64 -11.31
N ASN A 194 -13.05 -4.64 -10.45
CA ASN A 194 -13.91 -4.70 -9.28
C ASN A 194 -13.04 -4.83 -8.05
N ASP A 195 -13.32 -4.04 -7.01
CA ASP A 195 -12.57 -4.16 -5.79
C ASP A 195 -13.27 -3.61 -4.56
N TYR A 196 -12.77 -4.04 -3.39
CA TYR A 196 -13.30 -3.63 -2.07
C TYR A 196 -12.33 -2.67 -1.42
N ASN A 197 -12.77 -2.04 -0.34
CA ASN A 197 -12.16 -0.81 0.15
C ASN A 197 -12.00 0.26 -0.93
N ASP A 198 -12.98 0.31 -1.80
CA ASP A 198 -13.00 1.23 -2.90
C ASP A 198 -12.96 2.75 -2.52
N ALA A 199 -13.43 3.10 -1.33
CA ALA A 199 -13.43 4.51 -0.88
C ALA A 199 -12.26 4.89 0.04
N GLU A 200 -11.43 3.91 0.41
CA GLU A 200 -10.20 4.17 1.16
C GLU A 200 -9.24 5.01 0.29
N PRO A 201 -8.64 6.08 0.85
CA PRO A 201 -7.74 6.92 0.03
C PRO A 201 -6.57 6.18 -0.64
N ALA A 202 -5.70 5.53 0.13
CA ALA A 202 -4.53 4.91 -0.48
C ALA A 202 -4.92 3.89 -1.54
N LYS A 203 -5.80 2.97 -1.15
CA LYS A 203 -6.18 1.89 -2.05
C LYS A 203 -6.90 2.42 -3.27
N SER A 204 -7.80 3.39 -3.07
CA SER A 204 -8.57 3.94 -4.20
C SER A 204 -7.66 4.66 -5.12
N GLN A 205 -6.58 5.21 -4.59
CA GLN A 205 -5.53 5.75 -5.45
C GLN A 205 -4.83 4.65 -6.28
N ARG A 206 -4.47 3.55 -5.62
CA ARG A 206 -3.91 2.42 -6.34
C ARG A 206 -4.86 1.87 -7.45
N ILE A 207 -6.15 1.83 -7.17
CA ILE A 207 -7.15 1.34 -8.12
C ILE A 207 -7.16 2.23 -9.36
N TYR A 208 -7.28 3.53 -9.11
CA TYR A 208 -7.18 4.57 -10.12
C TYR A 208 -5.90 4.37 -10.96
N ASN A 209 -4.77 4.21 -10.29
CA ASN A 209 -3.51 3.98 -11.02
C ASN A 209 -3.59 2.82 -11.98
N LEU A 210 -4.12 1.69 -11.48
CA LEU A 210 -4.25 0.51 -12.34
C LEU A 210 -5.08 0.88 -13.59
N VAL A 211 -6.27 1.41 -13.37
CA VAL A 211 -7.18 1.66 -14.45
C VAL A 211 -6.64 2.74 -15.39
N LYS A 212 -5.85 3.66 -14.87
CA LYS A 212 -5.26 4.68 -15.69
C LYS A 212 -4.31 4.04 -16.68
N ARG A 213 -3.43 3.19 -16.16
CA ARG A 213 -2.50 2.43 -16.94
C ARG A 213 -3.22 1.73 -18.09
N MET A 214 -4.34 1.10 -17.79
CA MET A 214 -5.04 0.36 -18.81
C MET A 214 -5.62 1.31 -19.86
N LYS A 215 -6.21 2.40 -19.42
CA LYS A 215 -6.77 3.36 -20.34
C LYS A 215 -5.71 3.87 -21.30
N ASP A 216 -4.55 4.23 -20.76
CA ASP A 216 -3.46 4.76 -21.54
C ASP A 216 -2.89 3.72 -22.51
N ALA A 217 -2.85 2.45 -22.11
CA ALA A 217 -2.37 1.39 -22.98
C ALA A 217 -3.39 1.05 -24.06
N GLY A 218 -4.60 1.56 -23.92
CA GLY A 218 -5.71 1.18 -24.80
C GLY A 218 -6.25 -0.23 -24.56
N VAL A 219 -5.99 -0.81 -23.38
CA VAL A 219 -6.66 -2.04 -22.98
C VAL A 219 -8.18 -1.72 -22.89
N PRO A 220 -9.03 -2.71 -23.21
CA PRO A 220 -10.49 -2.51 -23.19
C PRO A 220 -11.23 -2.60 -21.82
N ILE A 221 -11.09 -1.58 -21.00
CA ILE A 221 -11.83 -1.44 -19.75
C ILE A 221 -12.85 -0.31 -19.90
N ASP A 222 -14.00 -0.47 -19.26
CA ASP A 222 -15.09 0.49 -19.37
C ASP A 222 -15.44 1.09 -18.04
N GLY A 223 -15.35 0.30 -16.97
CA GLY A 223 -15.93 0.70 -15.71
C GLY A 223 -15.17 0.16 -14.53
N ILE A 224 -15.50 0.73 -13.38
CA ILE A 224 -14.88 0.39 -12.13
C ILE A 224 -15.98 -0.07 -11.21
N GLY A 225 -15.69 -1.18 -10.53
CA GLY A 225 -16.68 -1.82 -9.64
C GLY A 225 -16.30 -1.52 -8.23
N MET A 226 -17.22 -0.87 -7.50
CA MET A 226 -16.98 -0.51 -6.12
C MET A 226 -17.81 -1.48 -5.32
N GLN A 227 -17.14 -2.37 -4.59
CA GLN A 227 -17.85 -3.45 -3.92
C GLN A 227 -18.81 -2.87 -2.91
N ALA A 228 -18.36 -1.85 -2.22
CA ALA A 228 -19.17 -1.21 -1.21
C ALA A 228 -19.51 -2.14 -0.04
N HIS A 229 -18.59 -3.00 0.38
CA HIS A 229 -18.70 -3.67 1.67
C HIS A 229 -18.36 -2.69 2.76
N TYR A 230 -19.33 -1.83 3.08
CA TYR A 230 -19.15 -0.79 4.07
C TYR A 230 -19.64 -1.24 5.45
N ASN A 231 -19.55 -0.34 6.40
CA ASN A 231 -20.15 -0.51 7.71
C ASN A 231 -20.43 0.87 8.33
N VAL A 232 -21.04 0.83 9.50
CA VAL A 232 -21.45 2.01 10.22
C VAL A 232 -20.36 3.03 10.45
N TYR A 233 -19.17 2.59 10.85
CA TYR A 233 -18.02 3.46 11.16
C TYR A 233 -17.08 3.67 9.98
N GLY A 234 -17.17 2.74 9.03
CA GLY A 234 -16.34 2.69 7.83
C GLY A 234 -16.97 3.57 6.78
N PRO A 235 -16.23 3.77 5.70
CA PRO A 235 -15.94 5.10 5.19
C PRO A 235 -16.98 6.15 5.47
N THR A 236 -16.48 7.36 5.68
CA THR A 236 -17.30 8.53 5.70
C THR A 236 -17.88 8.75 4.32
N MET A 237 -18.99 9.47 4.25
CA MET A 237 -19.53 9.89 2.96
C MET A 237 -18.61 10.80 2.17
N LYS A 238 -17.73 11.52 2.86
CA LYS A 238 -16.72 12.32 2.16
C LYS A 238 -15.83 11.37 1.34
N GLU A 239 -15.22 10.39 2.02
CA GLU A 239 -14.36 9.40 1.39
C GLU A 239 -15.01 8.73 0.15
N VAL A 240 -16.30 8.40 0.26
CA VAL A 240 -16.99 7.70 -0.80
C VAL A 240 -17.23 8.65 -1.94
N ASP A 241 -17.68 9.86 -1.64
CA ASP A 241 -17.90 10.89 -2.67
C ASP A 241 -16.58 11.29 -3.35
N ASP A 242 -15.51 11.35 -2.57
CA ASP A 242 -14.19 11.55 -3.17
C ASP A 242 -13.84 10.48 -4.20
N ALA A 243 -13.97 9.19 -3.84
CA ALA A 243 -13.47 8.10 -4.69
C ALA A 243 -14.26 8.02 -6.00
N ILE A 244 -15.55 8.30 -5.90
CA ILE A 244 -16.38 8.41 -7.07
C ILE A 244 -15.96 9.54 -7.97
N LYS A 245 -15.46 10.65 -7.42
CA LYS A 245 -14.99 11.75 -8.30
C LYS A 245 -13.72 11.31 -8.98
N LEU A 246 -12.85 10.66 -8.21
CA LEU A 246 -11.53 10.23 -8.69
C LEU A 246 -11.71 9.25 -9.82
N TYR A 247 -12.50 8.21 -9.56
CA TYR A 247 -12.84 7.21 -10.55
C TYR A 247 -13.52 7.80 -11.76
N SER A 248 -14.49 8.71 -11.53
CA SER A 248 -15.16 9.47 -12.61
C SER A 248 -14.28 10.08 -13.71
N THR A 249 -13.05 10.45 -13.36
CA THR A 249 -12.12 11.06 -14.31
C THR A 249 -11.34 10.06 -15.19
N VAL A 250 -11.47 8.75 -14.95
CA VAL A 250 -10.79 7.73 -15.77
C VAL A 250 -11.79 6.81 -16.54
N VAL A 251 -13.04 6.76 -16.07
CA VAL A 251 -14.06 5.87 -16.64
C VAL A 251 -15.43 6.56 -16.70
N ASP A 252 -16.26 6.14 -17.64
CA ASP A 252 -17.60 6.73 -17.74
C ASP A 252 -18.69 5.88 -17.09
N HIS A 253 -18.26 4.82 -16.40
CA HIS A 253 -19.18 3.81 -15.83
C HIS A 253 -18.70 3.35 -14.46
N ILE A 254 -19.59 3.52 -13.50
CA ILE A 254 -19.36 3.08 -12.15
C ILE A 254 -20.56 2.34 -11.64
N HIS A 255 -20.26 1.18 -11.05
CA HIS A 255 -21.23 0.37 -10.33
C HIS A 255 -20.79 0.18 -8.91
N LEU A 256 -21.74 0.32 -7.99
CA LEU A 256 -21.64 -0.25 -6.69
C LEU A 256 -22.17 -1.65 -6.91
N THR A 257 -21.42 -2.60 -6.42
CA THR A 257 -21.43 -3.93 -6.93
C THR A 257 -21.86 -5.01 -5.93
N GLU A 258 -21.53 -4.82 -4.65
CA GLU A 258 -21.81 -5.79 -3.58
C GLU A 258 -22.16 -5.04 -2.28
N LEU A 259 -23.09 -4.10 -2.40
CA LEU A 259 -23.37 -3.19 -1.32
C LEU A 259 -23.94 -3.93 -0.13
N ASP A 260 -23.42 -3.62 1.04
CA ASP A 260 -24.09 -3.92 2.29
C ASP A 260 -23.39 -3.09 3.39
N ILE A 261 -24.08 -2.91 4.50
CA ILE A 261 -23.54 -2.09 5.57
C ILE A 261 -23.67 -2.85 6.89
N ARG A 262 -22.58 -3.51 7.33
CA ARG A 262 -22.64 -4.33 8.54
C ARG A 262 -22.59 -3.42 9.72
N ILE A 263 -23.32 -3.76 10.77
CA ILE A 263 -23.42 -2.88 11.96
C ILE A 263 -22.14 -2.86 12.83
N ASN A 264 -21.31 -3.90 12.75
CA ASN A 264 -20.12 -4.09 13.60
C ASN A 264 -18.77 -3.73 12.93
N GLU A 265 -17.70 -3.66 13.72
CA GLU A 265 -16.33 -3.55 13.18
C GLU A 265 -16.21 -2.49 12.08
N VAL A 280 -28.22 -5.70 18.94
CA VAL A 280 -29.33 -5.58 17.98
C VAL A 280 -30.11 -4.25 18.21
N SER A 281 -29.38 -3.27 18.74
CA SER A 281 -29.97 -2.10 19.40
C SER A 281 -30.67 -1.09 18.50
N ASP A 282 -31.59 -0.33 19.10
CA ASP A 282 -32.24 0.81 18.44
C ASP A 282 -31.21 1.79 17.93
N TRP A 283 -30.11 1.89 18.63
CA TRP A 283 -29.12 2.89 18.30
C TRP A 283 -28.40 2.46 16.99
N GLU A 284 -27.86 1.24 16.99
CA GLU A 284 -27.21 0.63 15.83
C GLU A 284 -28.14 0.70 14.62
N ARG A 285 -29.40 0.33 14.80
CA ARG A 285 -30.38 0.48 13.72
C ARG A 285 -30.46 1.91 13.20
N THR A 286 -30.42 2.89 14.07
CA THR A 286 -30.44 4.30 13.64
C THR A 286 -29.18 4.66 12.88
N LEU A 287 -28.04 4.15 13.36
CA LEU A 287 -26.77 4.42 12.74
C LEU A 287 -26.73 3.91 11.32
N GLN A 288 -27.24 2.70 11.14
CA GLN A 288 -27.22 2.05 9.85
C GLN A 288 -28.19 2.78 8.94
N GLN A 289 -29.33 3.21 9.48
CA GLN A 289 -30.27 3.95 8.67
C GLN A 289 -29.66 5.22 8.13
N ASP A 290 -29.00 6.05 8.93
CA ASP A 290 -28.47 7.30 8.36
C ASP A 290 -27.39 7.07 7.30
N GLN A 291 -26.51 6.11 7.53
CA GLN A 291 -25.52 5.79 6.53
C GLN A 291 -26.19 5.44 5.19
N TYR A 292 -27.08 4.46 5.17
CA TYR A 292 -27.80 4.16 3.93
C TYR A 292 -28.45 5.43 3.33
N VAL A 293 -28.98 6.31 4.16
CA VAL A 293 -29.62 7.51 3.66
C VAL A 293 -28.52 8.44 3.18
N GLN A 294 -27.41 8.52 3.90
CA GLN A 294 -26.33 9.41 3.46
C GLN A 294 -25.77 8.91 2.11
N LEU A 295 -25.42 7.62 2.11
CA LEU A 295 -24.90 6.91 0.95
C LEU A 295 -25.73 7.17 -0.30
N PHE A 296 -27.05 6.92 -0.25
CA PHE A 296 -27.89 7.18 -1.43
C PHE A 296 -28.09 8.64 -1.84
N LYS A 297 -27.81 9.57 -0.93
CA LYS A 297 -27.75 11.00 -1.27
C LYS A 297 -26.53 11.25 -2.14
N VAL A 298 -25.42 10.68 -1.72
CA VAL A 298 -24.18 10.82 -2.46
C VAL A 298 -24.32 10.20 -3.86
N LEU A 299 -24.89 9.02 -3.95
CA LEU A 299 -24.97 8.34 -5.24
C LEU A 299 -25.95 9.03 -6.16
N ARG A 300 -27.03 9.58 -5.62
CA ARG A 300 -27.99 10.32 -6.45
C ARG A 300 -27.35 11.54 -7.14
N LYS A 301 -26.57 12.30 -6.39
CA LYS A 301 -25.74 13.36 -6.95
C LYS A 301 -24.87 12.88 -8.12
N HIS A 302 -24.39 11.64 -8.06
CA HIS A 302 -23.57 11.07 -9.14
C HIS A 302 -24.34 10.14 -10.07
N LYS A 303 -25.61 10.46 -10.35
CA LYS A 303 -26.48 9.64 -11.20
C LYS A 303 -25.90 9.37 -12.58
N ASP A 304 -25.19 10.34 -13.12
CA ASP A 304 -24.81 10.29 -14.52
C ASP A 304 -23.65 9.34 -14.81
N VAL A 305 -22.78 9.04 -13.82
CA VAL A 305 -21.69 8.07 -14.04
C VAL A 305 -22.02 6.72 -13.42
N ILE A 306 -22.77 6.73 -12.31
CA ILE A 306 -23.25 5.51 -11.71
C ILE A 306 -24.44 4.96 -12.46
N ASP A 307 -24.23 3.80 -13.07
CA ASP A 307 -25.28 3.10 -13.83
C ASP A 307 -26.00 2.06 -12.99
N CYS A 308 -25.37 1.56 -11.93
CA CYS A 308 -25.94 0.47 -11.15
C CYS A 308 -25.51 0.46 -9.68
N VAL A 309 -26.47 0.16 -8.81
CA VAL A 309 -26.21 -0.09 -7.42
C VAL A 309 -26.77 -1.47 -7.10
N THR A 310 -25.88 -2.41 -6.77
CA THR A 310 -26.27 -3.79 -6.51
C THR A 310 -25.95 -4.17 -5.07
N PHE A 311 -27.00 -4.59 -4.35
CA PHE A 311 -26.86 -5.10 -3.00
C PHE A 311 -26.32 -6.52 -3.03
N TRP A 312 -25.47 -6.86 -2.07
CA TRP A 312 -24.85 -8.15 -2.17
C TRP A 312 -25.79 -9.33 -1.93
N ASN A 313 -26.74 -9.30 -1.02
CA ASN A 313 -27.68 -10.41 -0.98
C ASN A 313 -29.13 -9.92 -0.95
N VAL A 314 -30.08 -10.84 -0.97
CA VAL A 314 -31.47 -10.42 -1.00
C VAL A 314 -31.91 -9.89 0.37
N SER A 315 -31.53 -10.63 1.40
CA SER A 315 -31.93 -10.26 2.73
C SER A 315 -30.96 -10.82 3.70
N ASP A 316 -31.05 -10.34 4.94
CA ASP A 316 -30.16 -10.76 6.00
C ASP A 316 -30.08 -12.29 6.12
N LYS A 317 -31.17 -12.96 5.77
CA LYS A 317 -31.21 -14.41 5.85
C LYS A 317 -30.08 -15.02 5.05
N ASP A 318 -29.85 -14.49 3.85
CA ASP A 318 -28.83 -15.05 2.93
C ASP A 318 -27.52 -14.21 2.78
N SER A 319 -27.39 -13.14 3.55
CA SER A 319 -26.15 -12.41 3.68
C SER A 319 -24.98 -13.32 4.07
N TRP A 320 -23.90 -13.20 3.28
CA TRP A 320 -22.60 -13.83 3.55
C TRP A 320 -21.94 -13.40 4.86
N LEU A 321 -22.49 -12.37 5.50
CA LEU A 321 -22.01 -11.90 6.77
C LEU A 321 -22.87 -12.38 7.93
N GLY A 322 -23.81 -13.27 7.67
CA GLY A 322 -24.68 -13.74 8.74
C GLY A 322 -25.63 -12.64 9.21
N VAL A 323 -26.69 -13.04 9.91
CA VAL A 323 -27.76 -12.10 10.23
C VAL A 323 -27.39 -11.28 11.46
N ARG A 324 -26.42 -11.77 12.25
CA ARG A 324 -25.86 -11.05 13.40
C ARG A 324 -25.53 -9.61 12.97
N ASN A 325 -25.10 -9.45 11.72
CA ASN A 325 -24.70 -8.16 11.18
C ASN A 325 -25.77 -7.30 10.55
N TYR A 326 -27.03 -7.71 10.56
CA TYR A 326 -28.15 -6.84 10.18
C TYR A 326 -27.79 -5.94 9.02
N PRO A 327 -27.32 -6.53 7.92
CA PRO A 327 -26.62 -5.72 6.94
C PRO A 327 -27.43 -5.18 5.76
N LEU A 328 -28.59 -5.73 5.46
CA LEU A 328 -29.30 -5.31 4.26
C LEU A 328 -30.62 -4.57 4.53
N LEU A 329 -31.28 -4.03 3.51
CA LEU A 329 -32.60 -3.38 3.70
C LEU A 329 -33.76 -4.37 3.80
N PHE A 330 -33.49 -5.68 3.77
CA PHE A 330 -34.51 -6.69 4.05
C PHE A 330 -34.03 -7.51 5.21
N ASP A 331 -34.96 -7.85 6.10
CA ASP A 331 -34.64 -8.50 7.35
C ASP A 331 -34.70 -10.00 7.11
N GLU A 332 -34.41 -10.79 8.13
CA GLU A 332 -34.34 -12.24 7.94
C GLU A 332 -35.63 -12.90 7.46
N ASN A 333 -36.74 -12.17 7.44
CA ASN A 333 -38.00 -12.70 6.89
C ASN A 333 -38.30 -12.24 5.49
N TYR A 334 -37.34 -11.62 4.85
CA TYR A 334 -37.49 -11.07 3.52
C TYR A 334 -38.51 -9.91 3.51
N LYS A 335 -38.50 -9.15 4.60
CA LYS A 335 -39.42 -8.05 4.79
C LYS A 335 -38.59 -6.80 4.95
N PRO A 336 -39.11 -5.64 4.51
CA PRO A 336 -38.40 -4.37 4.60
C PRO A 336 -38.29 -3.80 6.01
N LYS A 337 -37.15 -3.18 6.30
CA LYS A 337 -36.86 -2.52 7.59
C LYS A 337 -37.20 -1.06 7.44
N GLN A 338 -37.33 -0.34 8.56
CA GLN A 338 -37.60 1.12 8.45
C GLN A 338 -36.69 1.79 7.41
N ALA A 339 -35.42 1.36 7.39
CA ALA A 339 -34.39 1.85 6.47
C ALA A 339 -34.78 1.74 4.99
N TYR A 340 -35.52 0.67 4.65
CA TYR A 340 -35.99 0.46 3.29
C TYR A 340 -36.82 1.65 2.83
N ASN A 341 -37.80 2.06 3.62
CA ASN A 341 -38.65 3.17 3.21
C ASN A 341 -37.92 4.49 3.14
N ALA A 342 -36.90 4.69 3.96
CA ALA A 342 -36.17 5.96 3.92
C ALA A 342 -35.39 6.12 2.60
N VAL A 343 -34.62 5.10 2.26
CA VAL A 343 -33.81 5.06 1.03
C VAL A 343 -34.70 5.25 -0.21
N LYS A 344 -35.90 4.67 -0.15
CA LYS A 344 -36.81 4.59 -1.30
C LYS A 344 -37.64 5.86 -1.47
N ASN A 345 -38.22 6.35 -0.37
CA ASN A 345 -39.02 7.58 -0.40
C ASN A 345 -38.09 8.74 -0.12
N PHE A 346 -37.33 9.13 -1.13
CA PHE A 346 -36.42 10.28 -1.02
C PHE A 346 -37.05 11.49 -1.74
N ASP A 347 -36.38 12.64 -1.72
CA ASP A 347 -36.82 13.86 -2.43
C ASP A 347 -38.10 14.39 -1.78
N GLY B 18 30.98 -13.62 10.05
CA GLY B 18 30.26 -12.41 10.61
C GLY B 18 30.93 -11.07 10.33
N LEU B 19 30.17 -10.12 9.78
CA LEU B 19 30.69 -8.75 9.42
C LEU B 19 30.85 -7.80 10.60
N LYS B 20 29.90 -7.88 11.54
CA LYS B 20 29.99 -7.18 12.80
C LYS B 20 31.17 -7.65 13.63
N ASP B 21 31.62 -8.90 13.39
CA ASP B 21 32.78 -9.47 14.07
C ASP B 21 34.12 -9.07 13.36
N ALA B 22 34.11 -8.98 12.03
CA ALA B 22 35.26 -8.45 11.30
C ALA B 22 35.57 -6.95 11.51
N TYR B 23 34.57 -6.17 11.92
CA TYR B 23 34.66 -4.70 12.07
C TYR B 23 34.54 -4.18 13.52
N LYS B 24 34.56 -5.10 14.50
CA LYS B 24 34.40 -4.78 15.95
C LYS B 24 35.14 -3.54 16.41
N ASP B 25 36.36 -3.36 15.91
CA ASP B 25 37.27 -2.32 16.37
C ASP B 25 37.19 -1.11 15.45
N TYR B 26 36.35 -1.20 14.42
CA TYR B 26 36.14 -0.08 13.49
C TYR B 26 34.81 0.63 13.70
N PHE B 27 33.72 -0.14 13.71
CA PHE B 27 32.36 0.41 13.78
C PHE B 27 31.31 -0.70 13.64
N LYS B 28 30.11 -0.46 14.16
CA LYS B 28 29.02 -1.40 14.05
C LYS B 28 28.62 -1.56 12.58
N ILE B 29 28.00 -2.70 12.27
CA ILE B 29 27.49 -2.95 10.97
C ILE B 29 26.01 -3.17 11.19
N GLY B 30 25.19 -2.31 10.60
CA GLY B 30 23.75 -2.33 10.79
C GLY B 30 22.97 -2.82 9.58
N VAL B 31 21.74 -3.23 9.81
CA VAL B 31 20.80 -3.47 8.71
C VAL B 31 19.40 -2.88 9.05
N ALA B 32 18.69 -2.41 8.02
CA ALA B 32 17.32 -1.95 8.21
C ALA B 32 16.39 -3.10 7.83
N VAL B 33 15.36 -3.34 8.64
CA VAL B 33 14.58 -4.58 8.57
C VAL B 33 13.06 -4.36 8.36
N ASN B 34 12.43 -5.28 7.65
CA ASN B 34 10.96 -5.30 7.51
C ASN B 34 10.40 -6.22 8.58
N ASN B 35 9.11 -6.50 8.56
CA ASN B 35 8.50 -7.29 9.63
C ASN B 35 8.99 -8.74 9.58
N ARG B 36 8.94 -9.31 8.38
CA ARG B 36 9.39 -10.66 8.11
C ARG B 36 10.83 -10.86 8.53
N ASN B 37 11.66 -9.87 8.28
CA ASN B 37 13.08 -10.03 8.57
C ASN B 37 13.34 -10.51 9.99
N VAL B 38 12.46 -10.19 10.94
CA VAL B 38 12.58 -10.67 12.34
C VAL B 38 11.43 -11.61 12.76
N ALA B 39 10.77 -12.23 11.77
CA ALA B 39 9.71 -13.21 12.00
C ALA B 39 9.95 -14.59 11.32
N ASP B 40 10.93 -14.68 10.44
CA ASP B 40 11.32 -15.95 9.86
C ASP B 40 12.71 -16.32 10.35
N PRO B 41 12.84 -17.47 11.05
CA PRO B 41 14.14 -17.91 11.58
C PRO B 41 15.27 -18.03 10.55
N ASP B 42 14.93 -18.25 9.28
CA ASP B 42 15.96 -18.29 8.23
C ASP B 42 16.66 -16.94 8.05
N GLN B 43 15.91 -15.84 8.10
CA GLN B 43 16.51 -14.49 8.03
C GLN B 43 17.00 -13.97 9.39
N ILE B 44 16.37 -14.42 10.46
CA ILE B 44 16.82 -14.08 11.79
C ILE B 44 18.21 -14.66 12.08
N LYS B 45 18.54 -15.79 11.45
CA LYS B 45 19.87 -16.39 11.59
C LYS B 45 20.94 -15.48 10.95
N VAL B 46 20.58 -14.85 9.83
CA VAL B 46 21.50 -13.99 9.04
C VAL B 46 21.72 -12.62 9.68
N VAL B 47 20.65 -12.07 10.23
CA VAL B 47 20.74 -10.82 10.95
C VAL B 47 21.74 -10.98 12.09
N LEU B 48 21.49 -11.97 12.93
CA LEU B 48 22.28 -12.18 14.14
C LEU B 48 23.73 -12.56 13.84
N ARG B 49 23.93 -13.38 12.82
CA ARG B 49 25.28 -13.66 12.34
C ARG B 49 26.02 -12.37 11.93
N GLU B 50 25.35 -11.47 11.22
CA GLU B 50 26.05 -10.36 10.55
C GLU B 50 26.03 -8.99 11.21
N PHE B 51 24.93 -8.59 11.83
CA PHE B 51 24.75 -7.18 12.24
C PHE B 51 24.67 -7.02 13.73
N ASN B 52 25.04 -5.83 14.19
CA ASN B 52 24.90 -5.42 15.60
C ASN B 52 24.17 -4.07 15.82
N SER B 53 23.56 -3.53 14.76
CA SER B 53 22.69 -2.35 14.80
C SER B 53 21.53 -2.63 13.88
N ILE B 54 20.33 -2.26 14.30
CA ILE B 54 19.13 -2.52 13.51
C ILE B 54 18.39 -1.21 13.35
N THR B 55 17.78 -1.02 12.19
CA THR B 55 16.87 0.10 11.91
C THR B 55 15.56 -0.44 11.32
N ALA B 56 14.43 0.09 11.77
CA ALA B 56 13.17 -0.18 11.10
C ALA B 56 13.15 0.51 9.75
N GLU B 57 12.88 -0.28 8.72
CA GLU B 57 12.76 0.19 7.36
C GLU B 57 11.53 1.14 7.22
N ASN B 58 10.42 0.77 7.87
CA ASN B 58 9.19 1.55 7.82
C ASN B 58 8.44 1.72 9.13
N ALA B 59 8.54 0.74 10.01
CA ALA B 59 7.72 0.68 11.22
C ALA B 59 7.76 1.95 12.11
N MET B 60 8.85 2.70 12.09
CA MET B 60 8.99 3.82 13.01
C MET B 60 8.78 5.18 12.36
N LYS B 61 8.38 5.18 11.10
CA LYS B 61 8.11 6.42 10.42
C LYS B 61 6.84 7.11 10.96
N PRO B 62 6.64 8.40 10.66
CA PRO B 62 5.49 9.14 11.16
C PRO B 62 4.13 8.60 10.78
N GLN B 63 3.90 8.40 9.50
CA GLN B 63 2.61 7.91 9.04
C GLN B 63 2.32 6.46 9.53
N PRO B 64 3.32 5.54 9.44
CA PRO B 64 3.15 4.19 9.99
C PRO B 64 2.85 4.14 11.48
N THR B 65 3.58 4.87 12.30
CA THR B 65 3.25 4.95 13.71
C THR B 65 2.04 5.80 14.14
N GLU B 66 1.79 6.95 13.51
CA GLU B 66 0.70 7.88 13.95
C GLU B 66 0.00 8.49 12.77
N PRO B 67 -0.89 7.71 12.16
CA PRO B 67 -1.59 8.10 10.94
C PRO B 67 -2.60 9.25 11.13
N LYS B 68 -3.30 9.28 12.27
CA LYS B 68 -4.14 10.44 12.65
C LYS B 68 -3.86 10.80 14.12
N LYS B 69 -4.03 12.06 14.50
CA LYS B 69 -3.38 12.53 15.76
C LYS B 69 -3.81 11.70 16.95
N GLY B 70 -2.84 11.16 17.68
CA GLY B 70 -3.12 10.36 18.88
C GLY B 70 -3.67 8.94 18.66
N GLU B 71 -3.99 8.56 17.42
CA GLU B 71 -4.36 7.19 17.09
C GLU B 71 -3.08 6.49 16.69
N PHE B 72 -2.44 5.84 17.66
CA PHE B 72 -1.16 5.23 17.44
C PHE B 72 -1.31 3.83 16.91
N ASN B 73 -0.31 3.43 16.14
CA ASN B 73 -0.17 2.07 15.61
C ASN B 73 1.22 1.52 15.98
N TRP B 74 1.37 1.06 17.20
CA TRP B 74 2.68 0.59 17.67
C TRP B 74 3.07 -0.82 17.23
N GLU B 75 2.18 -1.55 16.53
CA GLU B 75 2.27 -3.01 16.41
C GLU B 75 3.53 -3.55 15.76
N ASP B 76 3.83 -3.06 14.56
CA ASP B 76 5.03 -3.49 13.85
C ASP B 76 6.31 -2.99 14.58
N ALA B 77 6.35 -1.74 14.99
CA ALA B 77 7.55 -1.24 15.60
C ALA B 77 7.89 -2.09 16.80
N ASP B 78 6.84 -2.56 17.48
CA ASP B 78 7.04 -3.33 18.71
C ASP B 78 7.78 -4.64 18.47
N LYS B 79 7.52 -5.30 17.34
CA LYS B 79 8.06 -6.63 17.13
C LYS B 79 9.55 -6.54 16.84
N ILE B 80 9.92 -5.53 16.06
CA ILE B 80 11.32 -5.20 15.82
C ILE B 80 11.96 -4.85 17.14
N ALA B 81 11.32 -3.96 17.88
CA ALA B 81 11.84 -3.47 19.12
C ALA B 81 12.08 -4.62 20.08
N ASP B 82 11.15 -5.57 20.12
CA ASP B 82 11.23 -6.68 21.07
C ASP B 82 12.24 -7.72 20.58
N PHE B 83 12.35 -7.85 19.27
CA PHE B 83 13.39 -8.69 18.69
C PHE B 83 14.77 -8.24 19.15
N CYS B 84 15.03 -6.94 19.00
CA CYS B 84 16.32 -6.35 19.36
C CYS B 84 16.58 -6.41 20.88
N ARG B 85 15.50 -6.31 21.67
CA ARG B 85 15.56 -6.36 23.14
C ARG B 85 15.93 -7.76 23.59
N ALA B 86 15.35 -8.76 22.93
CA ALA B 86 15.72 -10.16 23.14
C ALA B 86 17.20 -10.52 22.78
N ASN B 87 17.81 -9.87 21.78
CA ASN B 87 19.16 -10.26 21.33
C ASN B 87 20.26 -9.23 21.58
N GLY B 88 20.05 -8.37 22.58
CA GLY B 88 21.07 -7.41 23.00
C GLY B 88 21.60 -6.57 21.86
N ILE B 89 20.73 -6.31 20.89
CA ILE B 89 21.08 -5.44 19.80
C ILE B 89 20.35 -4.13 20.00
N LYS B 90 21.10 -3.03 20.08
CA LYS B 90 20.49 -1.72 20.18
C LYS B 90 20.07 -1.27 18.79
N MET B 91 19.26 -0.20 18.72
CA MET B 91 18.50 0.13 17.51
C MET B 91 18.68 1.58 17.09
N ARG B 92 18.64 1.84 15.78
CA ARG B 92 18.60 3.22 15.29
C ARG B 92 17.15 3.59 15.10
N GLY B 93 16.79 4.80 15.50
CA GLY B 93 15.42 5.26 15.39
C GLY B 93 15.20 6.01 14.10
N HIS B 94 14.65 5.33 13.10
CA HIS B 94 14.41 5.95 11.83
C HIS B 94 13.03 6.62 11.68
N THR B 95 13.08 7.67 10.89
CA THR B 95 12.96 9.07 11.24
C THR B 95 11.75 9.64 11.97
N LEU B 96 12.01 10.77 12.68
CA LEU B 96 11.05 11.54 13.47
C LEU B 96 10.38 12.68 12.68
N MET B 97 11.04 13.17 11.66
CA MET B 97 10.40 14.16 10.83
C MET B 97 10.89 14.02 9.41
N TRP B 98 9.95 14.04 8.48
CA TRP B 98 10.27 13.86 7.06
C TRP B 98 9.11 14.39 6.23
N HIS B 99 9.37 14.74 4.98
CA HIS B 99 8.30 15.25 4.12
C HIS B 99 7.57 14.11 3.39
N SER B 100 7.94 12.85 3.62
CA SER B 100 7.22 11.71 3.06
C SER B 100 6.92 10.72 4.15
N GLN B 101 6.00 9.81 3.88
CA GLN B 101 5.49 8.89 4.87
C GLN B 101 5.17 9.63 6.16
N ILE B 102 4.29 10.62 6.02
CA ILE B 102 3.91 11.45 7.16
C ILE B 102 2.44 11.77 7.07
N GLY B 103 1.76 11.73 8.19
CA GLY B 103 0.35 12.11 8.22
C GLY B 103 0.17 13.59 7.93
N SER B 104 -0.59 13.94 6.89
CA SER B 104 -0.80 15.37 6.54
C SER B 104 -1.28 16.23 7.73
N TRP B 105 -2.01 15.59 8.64
CA TRP B 105 -2.48 16.26 9.87
C TRP B 105 -1.44 17.02 10.64
N MET B 106 -0.16 16.67 10.46
CA MET B 106 0.89 17.27 11.25
C MET B 106 1.19 18.63 10.75
N TYR B 107 0.98 18.87 9.46
CA TYR B 107 1.36 20.16 8.88
C TYR B 107 0.19 20.92 8.28
N GLN B 108 -0.96 20.25 8.16
CA GLN B 108 -2.16 20.87 7.60
C GLN B 108 -3.41 20.29 8.27
N LYS B 111 -7.80 22.02 6.25
CA LYS B 111 -7.19 20.95 5.46
C LYS B 111 -6.99 21.40 4.03
N GLY B 112 -5.75 21.28 3.56
CA GLY B 112 -5.30 21.87 2.30
C GLY B 112 -4.49 23.08 2.70
N ASN B 113 -5.03 23.80 3.68
CA ASN B 113 -4.35 24.94 4.27
C ASN B 113 -3.30 24.41 5.20
N LEU B 114 -2.15 25.06 5.19
CA LEU B 114 -1.16 24.82 6.21
C LEU B 114 -1.73 25.25 7.56
N LEU B 115 -0.93 25.15 8.61
CA LEU B 115 -1.33 25.51 9.95
C LEU B 115 -0.23 26.43 10.50
N SER B 116 -0.50 27.09 11.62
CA SER B 116 0.44 28.04 12.23
C SER B 116 1.74 27.38 12.64
N LYS B 117 2.76 28.19 12.90
CA LYS B 117 4.04 27.67 13.36
C LYS B 117 3.86 26.88 14.66
N GLU B 118 2.92 27.29 15.51
CA GLU B 118 2.83 26.72 16.84
C GLU B 118 2.02 25.43 17.00
N GLU B 119 0.92 25.25 16.27
CA GLU B 119 0.28 23.94 16.34
C GLU B 119 1.07 22.88 15.54
N PHE B 120 1.82 23.30 14.52
CA PHE B 120 2.66 22.37 13.79
C PHE B 120 3.79 21.96 14.73
N TYR B 121 4.36 22.93 15.44
CA TYR B 121 5.34 22.62 16.47
C TYR B 121 4.74 21.67 17.48
N ALA B 122 3.48 21.92 17.83
CA ALA B 122 2.78 21.16 18.86
C ALA B 122 2.62 19.71 18.39
N ASN B 123 2.09 19.56 17.19
CA ASN B 123 2.07 18.27 16.55
C ASN B 123 3.43 17.59 16.57
N MET B 124 4.46 18.32 16.16
CA MET B 124 5.75 17.71 16.07
C MET B 124 6.16 17.19 17.46
N LYS B 125 5.88 17.96 18.50
CA LYS B 125 6.29 17.60 19.86
C LYS B 125 5.49 16.41 20.34
N HIS B 126 4.22 16.42 20.01
CA HIS B 126 3.33 15.39 20.42
C HIS B 126 3.91 14.04 19.96
N HIS B 127 4.09 13.95 18.66
CA HIS B 127 4.57 12.77 18.01
C HIS B 127 5.94 12.30 18.50
N ILE B 128 6.88 13.23 18.62
CA ILE B 128 8.20 12.87 19.03
C ILE B 128 8.21 12.34 20.45
N GLN B 129 7.45 12.97 21.32
CA GLN B 129 7.45 12.60 22.74
C GLN B 129 6.93 11.18 22.86
N ALA B 130 5.83 10.93 22.14
CA ALA B 130 5.23 9.61 22.12
C ALA B 130 6.22 8.51 21.72
N ILE B 131 6.91 8.67 20.60
CA ILE B 131 7.71 7.57 20.04
C ILE B 131 9.07 7.42 20.73
N VAL B 132 9.69 8.54 21.06
CA VAL B 132 11.02 8.47 21.63
C VAL B 132 10.89 7.84 22.99
N ASN B 133 9.80 8.16 23.67
CA ASN B 133 9.52 7.64 24.98
C ASN B 133 9.20 6.14 25.00
N ARG B 134 8.41 5.68 24.04
CA ARG B 134 8.11 4.26 23.93
C ARG B 134 9.36 3.39 23.68
N TYR B 135 10.35 3.91 22.95
CA TYR B 135 11.53 3.13 22.49
C TYR B 135 12.90 3.61 23.00
N LYS B 136 12.88 4.52 23.97
CA LYS B 136 14.07 5.07 24.63
C LYS B 136 15.07 4.00 25.07
N ASP B 137 14.55 2.91 25.62
CA ASP B 137 15.37 1.80 26.09
C ASP B 137 16.13 1.11 24.97
N VAL B 138 15.54 1.01 23.77
CA VAL B 138 16.25 0.29 22.70
C VAL B 138 17.04 1.16 21.75
N VAL B 139 16.63 2.42 21.59
CA VAL B 139 17.13 3.25 20.53
C VAL B 139 18.34 4.01 21.06
N TYR B 140 19.49 3.77 20.47
CA TYR B 140 20.70 4.50 20.81
C TYR B 140 20.86 5.75 19.96
N CYS B 141 20.20 5.82 18.80
CA CYS B 141 20.17 7.09 18.08
C CYS B 141 18.97 7.28 17.16
N TRP B 142 18.62 8.53 16.95
CA TRP B 142 17.52 8.88 16.05
C TRP B 142 18.04 9.65 14.85
N ASP B 143 17.64 9.24 13.64
CA ASP B 143 17.58 10.15 12.46
C ASP B 143 16.38 11.14 12.63
N VAL B 144 16.61 12.28 13.28
CA VAL B 144 15.56 13.19 13.70
C VAL B 144 14.88 13.94 12.58
N VAL B 145 15.67 14.50 11.69
CA VAL B 145 15.12 15.18 10.54
C VAL B 145 15.79 14.60 9.33
N ASN B 146 15.04 14.44 8.27
CA ASN B 146 15.51 13.64 7.17
C ASN B 146 15.29 14.39 5.86
N GLU B 147 16.34 14.48 5.04
CA GLU B 147 16.20 15.05 3.69
C GLU B 147 15.60 16.49 3.66
N ALA B 148 16.24 17.42 4.39
CA ALA B 148 15.75 18.80 4.54
C ALA B 148 16.43 19.76 3.58
N VAL B 149 17.62 19.37 3.16
CA VAL B 149 18.43 20.17 2.28
C VAL B 149 18.06 19.91 0.81
N ALA B 150 17.98 20.95 -0.01
CA ALA B 150 17.54 20.77 -1.42
C ALA B 150 18.56 20.09 -2.32
N ASP B 151 18.04 19.48 -3.38
CA ASP B 151 18.83 18.89 -4.43
C ASP B 151 19.49 19.98 -5.28
N SER B 152 20.49 19.58 -6.06
CA SER B 152 21.46 20.48 -6.58
C SER B 152 21.21 20.94 -7.97
N PRO B 153 20.61 22.11 -8.12
CA PRO B 153 21.35 23.27 -8.49
C PRO B 153 20.71 24.30 -7.60
N VAL B 154 21.41 24.74 -6.56
CA VAL B 154 20.90 25.83 -5.76
C VAL B 154 21.63 27.09 -6.18
N TYR B 155 20.89 28.00 -6.83
CA TYR B 155 21.50 29.22 -7.35
C TYR B 155 21.98 30.11 -6.22
N PRO B 156 22.96 30.99 -6.49
CA PRO B 156 23.28 32.00 -5.49
C PRO B 156 22.05 32.81 -5.11
N GLY B 157 21.83 32.88 -3.79
CA GLY B 157 20.69 33.60 -3.21
C GLY B 157 19.40 32.84 -3.00
N ARG B 158 19.28 31.65 -3.57
CA ARG B 158 18.08 30.82 -3.37
C ARG B 158 18.25 30.00 -2.06
N PRO B 159 17.13 29.63 -1.44
CA PRO B 159 17.22 28.91 -0.17
C PRO B 159 17.91 27.56 -0.33
N GLU B 160 18.81 27.25 0.59
CA GLU B 160 19.56 26.00 0.60
C GLU B 160 18.75 24.79 1.11
N LEU B 161 17.53 25.02 1.60
CA LEU B 161 16.67 23.98 2.18
C LEU B 161 15.55 23.60 1.25
N ARG B 162 15.22 22.32 1.26
CA ARG B 162 14.04 21.82 0.59
C ARG B 162 12.83 22.62 1.04
N ASN B 163 11.93 22.89 0.09
CA ASN B 163 10.78 23.74 0.31
C ASN B 163 9.52 22.90 0.61
N SER B 164 9.65 21.97 1.58
CA SER B 164 8.53 21.16 2.09
C SER B 164 7.51 22.01 2.85
N PRO B 165 6.29 21.48 3.09
CA PRO B 165 5.30 22.23 3.92
C PRO B 165 5.83 22.58 5.30
N MET B 166 6.62 21.70 5.91
CA MET B 166 7.40 22.10 7.08
C MET B 166 8.07 23.46 6.86
N TYR B 167 9.06 23.51 5.96
CA TYR B 167 9.86 24.72 5.77
C TYR B 167 8.97 25.92 5.44
N GLN B 168 7.95 25.74 4.62
CA GLN B 168 7.06 26.84 4.34
C GLN B 168 6.55 27.48 5.61
N ILE B 169 6.03 26.66 6.50
CA ILE B 169 5.38 27.12 7.72
C ILE B 169 6.35 27.81 8.65
N ALA B 170 7.53 27.21 8.84
CA ALA B 170 8.41 27.54 9.96
C ALA B 170 9.86 27.88 9.60
N GLY B 171 10.18 27.78 8.31
CA GLY B 171 11.56 27.90 7.88
C GLY B 171 12.52 26.91 8.55
N GLU B 172 13.76 27.33 8.66
CA GLU B 172 14.81 26.47 9.16
C GLU B 172 14.65 26.05 10.65
N GLU B 173 13.86 26.84 11.39
CA GLU B 173 13.73 26.62 12.83
C GLU B 173 13.06 25.27 13.13
N PHE B 174 12.29 24.73 12.18
CA PHE B 174 11.65 23.47 12.44
C PHE B 174 12.68 22.35 12.70
N ILE B 175 13.86 22.43 12.08
CA ILE B 175 14.94 21.48 12.37
C ILE B 175 15.50 21.71 13.77
N TYR B 176 15.62 22.98 14.12
CA TYR B 176 16.14 23.38 15.40
C TYR B 176 15.18 22.83 16.49
N LYS B 177 13.87 23.02 16.30
CA LYS B 177 12.88 22.59 17.29
C LYS B 177 12.78 21.06 17.48
N ALA B 178 12.89 20.33 16.37
CA ALA B 178 12.64 18.92 16.38
C ALA B 178 13.76 18.25 17.13
N PHE B 179 14.97 18.72 16.88
CA PHE B 179 16.09 18.19 17.58
C PHE B 179 15.97 18.50 19.07
N GLU B 180 15.44 19.65 19.44
CA GLU B 180 15.42 19.96 20.86
C GLU B 180 14.30 19.22 21.57
N TYR B 181 13.20 18.97 20.87
CA TYR B 181 12.13 18.15 21.42
C TYR B 181 12.62 16.70 21.61
N ALA B 182 13.49 16.23 20.74
CA ALA B 182 14.03 14.87 20.84
C ALA B 182 15.05 14.76 21.97
N HIS B 183 15.92 15.75 22.06
CA HIS B 183 16.87 15.84 23.17
C HIS B 183 16.17 15.94 24.55
N GLU B 184 15.09 16.71 24.63
CA GLU B 184 14.26 16.72 25.81
C GLU B 184 13.75 15.31 26.10
N ALA B 185 13.26 14.64 25.07
CA ALA B 185 12.61 13.35 25.27
C ALA B 185 13.59 12.25 25.62
N ASP B 186 14.86 12.46 25.28
CA ASP B 186 15.90 11.52 25.67
C ASP B 186 17.26 12.19 25.59
N PRO B 187 17.70 12.74 26.72
CA PRO B 187 19.00 13.39 26.79
C PRO B 187 20.12 12.47 26.39
N ASP B 188 19.99 11.16 26.60
CA ASP B 188 21.14 10.23 26.48
C ASP B 188 21.25 9.54 25.11
N ALA B 189 20.52 10.05 24.12
CA ALA B 189 20.52 9.48 22.77
C ALA B 189 21.16 10.40 21.76
N LEU B 190 22.08 9.85 20.99
CA LEU B 190 22.72 10.57 19.90
C LEU B 190 21.68 10.99 18.86
N LEU B 191 21.60 12.29 18.52
CA LEU B 191 20.61 12.84 17.53
C LEU B 191 21.27 13.19 16.20
N PHE B 192 20.80 12.58 15.11
CA PHE B 192 21.42 12.68 13.79
C PHE B 192 20.59 13.49 12.78
N TYR B 193 21.26 14.25 11.90
CA TYR B 193 20.63 14.81 10.70
C TYR B 193 21.06 13.87 9.58
N ASN B 194 20.08 13.31 8.88
CA ASN B 194 20.30 12.22 7.94
C ASN B 194 19.86 12.65 6.54
N ASP B 195 20.71 12.44 5.52
CA ASP B 195 20.38 12.92 4.16
C ASP B 195 21.05 12.11 3.05
N TYR B 196 20.53 12.28 1.83
CA TYR B 196 21.12 11.69 0.63
C TYR B 196 21.88 12.70 -0.25
N ASN B 197 22.58 12.17 -1.24
CA ASN B 197 23.58 12.91 -2.04
C ASN B 197 24.62 13.55 -1.15
N ASP B 198 24.95 12.74 -0.14
CA ASP B 198 25.78 13.08 1.00
C ASP B 198 27.24 13.29 0.67
N ALA B 199 27.74 12.65 -0.39
CA ALA B 199 29.14 12.78 -0.82
C ALA B 199 29.35 13.75 -2.01
N GLU B 200 28.28 14.38 -2.47
CA GLU B 200 28.30 15.24 -3.65
C GLU B 200 28.92 16.54 -3.23
N PRO B 201 29.85 17.08 -4.00
CA PRO B 201 30.48 18.31 -3.54
C PRO B 201 29.54 19.48 -3.23
N ALA B 202 28.55 19.79 -4.05
CA ALA B 202 27.74 20.98 -3.75
C ALA B 202 26.86 20.72 -2.51
N LYS B 203 26.11 19.62 -2.49
CA LYS B 203 25.13 19.37 -1.41
C LYS B 203 25.82 19.08 -0.07
N SER B 204 26.88 18.27 -0.09
CA SER B 204 27.59 17.99 1.15
C SER B 204 28.00 19.28 1.86
N GLN B 205 28.38 20.29 1.08
CA GLN B 205 28.63 21.63 1.62
C GLN B 205 27.37 22.22 2.25
N ARG B 206 26.27 22.18 1.51
CA ARG B 206 25.04 22.73 2.05
C ARG B 206 24.61 22.04 3.34
N ILE B 207 24.91 20.74 3.42
CA ILE B 207 24.69 19.95 4.60
C ILE B 207 25.60 20.49 5.71
N TYR B 208 26.90 20.50 5.44
CA TYR B 208 27.88 21.04 6.38
C TYR B 208 27.44 22.37 6.98
N ASN B 209 26.86 23.24 6.16
CA ASN B 209 26.44 24.56 6.61
C ASN B 209 25.29 24.55 7.61
N LEU B 210 24.21 23.86 7.26
CA LEU B 210 23.08 23.70 8.14
C LEU B 210 23.55 23.12 9.46
N VAL B 211 24.24 21.98 9.42
CA VAL B 211 24.72 21.38 10.66
C VAL B 211 25.57 22.38 11.44
N LYS B 212 26.47 23.06 10.75
CA LYS B 212 27.27 24.11 11.38
C LYS B 212 26.39 25.23 11.94
N ARG B 213 25.34 25.59 11.22
CA ARG B 213 24.47 26.65 11.66
C ARG B 213 23.71 26.20 12.92
N MET B 214 23.33 24.93 12.96
CA MET B 214 22.59 24.38 14.10
C MET B 214 23.49 24.44 15.34
N LYS B 215 24.74 24.01 15.17
CA LYS B 215 25.74 24.06 16.21
C LYS B 215 25.78 25.41 16.88
N ASP B 216 25.92 26.45 16.05
CA ASP B 216 26.09 27.82 16.52
C ASP B 216 24.84 28.43 17.13
N ALA B 217 23.68 27.83 16.85
CA ALA B 217 22.44 28.11 17.58
C ALA B 217 22.27 27.17 18.76
N GLY B 218 23.33 26.45 19.10
CA GLY B 218 23.29 25.54 20.24
C GLY B 218 22.23 24.46 20.15
N VAL B 219 22.00 23.98 18.94
CA VAL B 219 21.06 22.88 18.70
C VAL B 219 21.78 21.61 19.12
N PRO B 220 21.07 20.71 19.81
CA PRO B 220 21.78 19.54 20.40
C PRO B 220 22.03 18.38 19.44
N ILE B 221 22.36 18.69 18.19
CA ILE B 221 22.74 17.67 17.22
C ILE B 221 24.10 17.06 17.50
N ASP B 222 24.14 15.74 17.52
CA ASP B 222 25.37 15.00 17.79
C ASP B 222 26.07 14.48 16.52
N GLY B 223 25.33 14.29 15.42
CA GLY B 223 25.91 13.60 14.27
C GLY B 223 25.24 13.76 12.93
N ILE B 224 25.99 13.44 11.88
CA ILE B 224 25.45 13.38 10.54
C ILE B 224 25.41 11.95 10.03
N GLY B 225 24.25 11.61 9.48
CA GLY B 225 24.02 10.36 8.77
C GLY B 225 24.10 10.56 7.27
N MET B 226 24.93 9.75 6.63
CA MET B 226 25.01 9.76 5.18
C MET B 226 24.18 8.58 4.70
N GLN B 227 23.16 8.86 3.91
CA GLN B 227 22.30 7.79 3.42
C GLN B 227 23.13 6.78 2.60
N ALA B 228 24.11 7.26 1.82
CA ALA B 228 24.94 6.41 0.96
C ALA B 228 24.13 5.54 0.02
N HIS B 229 23.22 6.18 -0.69
CA HIS B 229 22.53 5.54 -1.78
C HIS B 229 23.38 5.80 -2.97
N TYR B 230 24.35 4.91 -3.15
CA TYR B 230 25.33 5.10 -4.18
C TYR B 230 25.02 4.14 -5.29
N ASN B 231 25.72 4.33 -6.40
CA ASN B 231 25.81 3.36 -7.51
C ASN B 231 27.27 3.18 -8.00
N VAL B 232 27.46 2.36 -9.04
CA VAL B 232 28.81 1.98 -9.52
C VAL B 232 29.61 3.12 -10.16
N TYR B 233 28.91 4.00 -10.86
CA TYR B 233 29.47 5.25 -11.39
C TYR B 233 29.24 6.42 -10.39
N GLY B 234 28.74 6.05 -9.18
CA GLY B 234 27.96 6.91 -8.18
C GLY B 234 29.00 7.85 -7.69
N PRO B 235 28.95 8.32 -6.43
CA PRO B 235 30.06 9.17 -6.05
C PRO B 235 31.39 8.41 -6.05
N THR B 236 32.45 9.14 -6.38
CA THR B 236 33.79 8.58 -6.41
C THR B 236 34.34 8.54 -4.98
N MET B 237 34.79 7.38 -4.56
CA MET B 237 35.37 7.20 -3.23
C MET B 237 36.17 8.39 -2.72
N LYS B 238 36.84 9.12 -3.61
CA LYS B 238 37.54 10.34 -3.22
C LYS B 238 36.57 11.45 -2.75
N GLU B 239 35.40 11.55 -3.37
CA GLU B 239 34.37 12.50 -2.95
C GLU B 239 33.73 12.11 -1.59
N VAL B 240 33.54 10.82 -1.39
CA VAL B 240 33.10 10.29 -0.10
C VAL B 240 34.11 10.72 0.94
N ASP B 241 35.39 10.51 0.65
CA ASP B 241 36.48 10.87 1.56
C ASP B 241 36.46 12.34 1.95
N ASP B 242 36.37 13.24 0.98
CA ASP B 242 36.29 14.68 1.25
C ASP B 242 35.14 15.03 2.19
N ALA B 243 34.01 14.34 2.01
CA ALA B 243 32.79 14.59 2.76
C ALA B 243 32.93 14.12 4.17
N ILE B 244 33.31 12.86 4.35
CA ILE B 244 33.60 12.36 5.69
C ILE B 244 34.58 13.28 6.34
N LYS B 245 35.57 13.73 5.58
CA LYS B 245 36.60 14.65 6.08
C LYS B 245 36.00 15.95 6.54
N LEU B 246 35.14 16.49 5.68
CA LEU B 246 34.51 17.78 5.91
C LEU B 246 33.61 17.69 7.10
N TYR B 247 32.72 16.71 7.06
CA TYR B 247 31.75 16.51 8.11
C TYR B 247 32.44 16.24 9.44
N SER B 248 33.60 15.59 9.37
CA SER B 248 34.42 15.35 10.54
C SER B 248 34.83 16.63 11.26
N THR B 249 34.63 17.78 10.62
CA THR B 249 34.99 19.04 11.22
C THR B 249 33.84 19.68 11.98
N VAL B 250 32.60 19.21 11.79
CA VAL B 250 31.48 19.85 12.49
C VAL B 250 30.79 18.92 13.50
N VAL B 251 31.04 17.61 13.47
CA VAL B 251 30.46 16.69 14.45
C VAL B 251 31.40 15.53 14.73
N ASP B 252 31.16 14.81 15.82
CA ASP B 252 32.09 13.77 16.25
C ASP B 252 31.58 12.38 15.87
N HIS B 253 30.34 12.31 15.38
CA HIS B 253 29.74 11.04 14.92
C HIS B 253 29.14 11.18 13.51
N ILE B 254 29.63 10.33 12.62
CA ILE B 254 29.06 10.11 11.30
C ILE B 254 28.50 8.70 11.25
N HIS B 255 27.32 8.48 10.67
CA HIS B 255 26.95 7.09 10.28
C HIS B 255 26.69 6.99 8.77
N LEU B 256 26.98 5.83 8.22
CA LEU B 256 26.50 5.49 6.91
C LEU B 256 25.22 4.80 7.25
N THR B 257 24.15 5.29 6.69
CA THR B 257 22.84 5.12 7.26
C THR B 257 21.92 4.17 6.50
N GLU B 258 22.09 4.13 5.16
CA GLU B 258 21.16 3.49 4.21
C GLU B 258 21.92 2.98 2.99
N LEU B 259 23.01 2.26 3.25
CA LEU B 259 24.02 1.94 2.22
C LEU B 259 23.52 0.96 1.18
N ASP B 260 23.63 1.34 -0.09
CA ASP B 260 23.29 0.51 -1.23
C ASP B 260 24.30 0.85 -2.30
N ILE B 261 24.57 -0.09 -3.19
CA ILE B 261 25.37 0.19 -4.38
C ILE B 261 24.71 -0.44 -5.63
N ARG B 262 23.86 0.36 -6.27
CA ARG B 262 23.11 -0.08 -7.40
C ARG B 262 23.88 0.18 -8.68
N ILE B 263 23.19 0.01 -9.83
CA ILE B 263 23.78 0.16 -11.18
C ILE B 263 22.84 0.97 -12.15
N ASN B 264 23.01 2.31 -12.14
CA ASN B 264 22.28 3.24 -13.02
C ASN B 264 22.67 4.71 -12.72
N VAL B 280 22.22 -9.73 -14.98
CA VAL B 280 23.26 -8.72 -14.72
C VAL B 280 24.73 -9.20 -14.90
N SER B 281 25.52 -8.37 -15.59
CA SER B 281 26.85 -8.73 -16.11
C SER B 281 27.95 -8.94 -15.08
N ASP B 282 28.81 -9.93 -15.33
CA ASP B 282 29.92 -10.22 -14.44
C ASP B 282 30.99 -9.13 -14.53
N TRP B 283 30.91 -8.28 -15.55
CA TRP B 283 31.73 -7.07 -15.57
C TRP B 283 31.13 -6.01 -14.64
N GLU B 284 29.81 -5.96 -14.53
CA GLU B 284 29.14 -5.06 -13.57
C GLU B 284 29.24 -5.61 -12.15
N ARG B 285 29.13 -6.94 -12.03
CA ARG B 285 29.39 -7.68 -10.78
C ARG B 285 30.77 -7.37 -10.16
N THR B 286 31.74 -7.02 -11.01
CA THR B 286 33.08 -6.66 -10.53
C THR B 286 33.18 -5.17 -10.19
N LEU B 287 32.61 -4.30 -11.02
CA LEU B 287 32.52 -2.88 -10.71
C LEU B 287 31.86 -2.60 -9.37
N GLN B 288 30.80 -3.33 -9.11
CA GLN B 288 30.12 -3.22 -7.84
C GLN B 288 31.07 -3.65 -6.74
N GLN B 289 31.55 -4.89 -6.83
CA GLN B 289 32.45 -5.45 -5.84
C GLN B 289 33.60 -4.51 -5.52
N ASP B 290 34.10 -3.80 -6.52
CA ASP B 290 35.23 -2.92 -6.30
C ASP B 290 34.80 -1.70 -5.51
N GLN B 291 33.71 -1.04 -5.94
CA GLN B 291 33.11 0.07 -5.19
C GLN B 291 32.97 -0.33 -3.74
N TYR B 292 32.39 -1.50 -3.50
CA TYR B 292 32.24 -1.96 -2.12
C TYR B 292 33.58 -2.14 -1.42
N VAL B 293 34.58 -2.69 -2.11
CA VAL B 293 35.90 -2.84 -1.51
C VAL B 293 36.53 -1.48 -1.28
N GLN B 294 36.54 -0.62 -2.29
CA GLN B 294 37.25 0.66 -2.14
C GLN B 294 36.55 1.69 -1.22
N LEU B 295 35.25 1.48 -0.97
CA LEU B 295 34.51 2.28 0.01
C LEU B 295 34.89 1.91 1.43
N PHE B 296 34.88 0.61 1.70
CA PHE B 296 35.33 0.10 2.99
C PHE B 296 36.81 0.36 3.31
N LYS B 297 37.67 0.59 2.31
CA LYS B 297 38.97 1.25 2.55
C LYS B 297 38.76 2.62 3.19
N VAL B 298 38.08 3.52 2.48
CA VAL B 298 37.79 4.84 3.03
C VAL B 298 37.15 4.77 4.41
N LEU B 299 36.20 3.87 4.60
CA LEU B 299 35.51 3.89 5.87
C LEU B 299 36.44 3.44 6.99
N ARG B 300 37.16 2.35 6.74
CA ARG B 300 38.14 1.84 7.71
C ARG B 300 39.14 2.95 8.09
N LYS B 301 39.51 3.78 7.12
CA LYS B 301 40.35 4.97 7.39
C LYS B 301 39.70 5.89 8.46
N HIS B 302 38.40 6.11 8.40
CA HIS B 302 37.78 6.99 9.38
C HIS B 302 37.14 6.27 10.57
N LYS B 303 37.68 5.13 10.96
CA LYS B 303 37.13 4.32 12.04
C LYS B 303 36.72 5.11 13.27
N ASP B 304 37.45 6.19 13.58
CA ASP B 304 37.19 7.01 14.78
C ASP B 304 35.85 7.74 14.78
N VAL B 305 35.50 8.37 13.66
CA VAL B 305 34.30 9.20 13.58
C VAL B 305 33.10 8.37 13.16
N ILE B 306 33.33 7.44 12.25
CA ILE B 306 32.27 6.56 11.80
C ILE B 306 32.06 5.51 12.88
N ASP B 307 30.84 5.50 13.41
CA ASP B 307 30.44 4.60 14.51
C ASP B 307 29.53 3.44 14.06
N CYS B 308 28.91 3.56 12.90
CA CYS B 308 27.99 2.52 12.41
C CYS B 308 27.79 2.66 10.91
N VAL B 309 27.72 1.54 10.23
CA VAL B 309 27.46 1.53 8.82
C VAL B 309 26.31 0.58 8.58
N THR B 310 25.14 1.11 8.19
CA THR B 310 23.96 0.29 8.03
C THR B 310 23.58 0.19 6.57
N PHE B 311 23.35 -1.04 6.10
CA PHE B 311 22.94 -1.37 4.74
C PHE B 311 21.45 -1.28 4.71
N TRP B 312 20.87 -0.77 3.63
CA TRP B 312 19.45 -0.47 3.71
C TRP B 312 18.46 -1.64 3.68
N ASN B 313 18.90 -2.83 3.32
CA ASN B 313 18.07 -4.04 3.47
C ASN B 313 18.97 -5.23 3.73
N VAL B 314 18.38 -6.39 4.01
CA VAL B 314 19.16 -7.57 4.35
C VAL B 314 19.85 -8.13 3.13
N SER B 315 19.03 -8.38 2.11
CA SER B 315 19.50 -8.95 0.87
C SER B 315 18.81 -8.26 -0.31
N ASP B 316 19.31 -8.54 -1.52
CA ASP B 316 18.70 -8.07 -2.78
C ASP B 316 17.19 -8.35 -2.85
N LYS B 317 16.77 -9.47 -2.25
CA LYS B 317 15.36 -9.86 -2.19
C LYS B 317 14.46 -8.81 -1.51
N ASP B 318 14.92 -8.24 -0.38
CA ASP B 318 14.13 -7.27 0.37
C ASP B 318 14.35 -5.82 -0.07
N SER B 319 15.22 -5.56 -1.03
CA SER B 319 15.66 -4.18 -1.34
C SER B 319 14.62 -3.35 -2.07
N TRP B 320 14.49 -2.12 -1.61
CA TRP B 320 13.55 -1.18 -2.19
C TRP B 320 13.85 -0.88 -3.66
N LEU B 321 15.13 -0.98 -4.04
CA LEU B 321 15.57 -0.82 -5.44
C LEU B 321 15.31 -2.05 -6.33
N GLY B 322 15.31 -3.23 -5.70
CA GLY B 322 14.96 -4.48 -6.37
C GLY B 322 16.17 -5.24 -6.88
N VAL B 323 16.05 -6.57 -6.90
CA VAL B 323 17.01 -7.51 -7.51
C VAL B 323 17.80 -7.06 -8.76
N ARG B 324 17.13 -6.37 -9.68
CA ARG B 324 17.73 -5.88 -10.93
C ARG B 324 19.03 -5.12 -10.63
N ASN B 325 18.97 -4.21 -9.67
CA ASN B 325 20.11 -3.39 -9.30
C ASN B 325 21.15 -4.10 -8.41
N TYR B 326 20.89 -5.35 -8.05
CA TYR B 326 21.90 -6.24 -7.47
C TYR B 326 22.62 -5.71 -6.19
N PRO B 327 21.98 -4.83 -5.40
CA PRO B 327 22.65 -3.78 -4.61
C PRO B 327 23.52 -4.10 -3.36
N LEU B 328 23.31 -5.26 -2.73
CA LEU B 328 23.86 -5.52 -1.38
C LEU B 328 24.88 -6.64 -1.36
N LEU B 329 25.47 -6.92 -0.21
CA LEU B 329 26.42 -8.01 -0.13
C LEU B 329 25.76 -9.40 -0.10
N PHE B 330 24.44 -9.44 -0.32
CA PHE B 330 23.70 -10.68 -0.21
C PHE B 330 22.67 -10.80 -1.32
N ASP B 331 22.54 -12.00 -1.88
CA ASP B 331 21.70 -12.23 -3.09
C ASP B 331 20.26 -12.61 -2.71
N GLU B 332 19.50 -13.15 -3.66
CA GLU B 332 18.08 -13.44 -3.43
C GLU B 332 17.84 -14.54 -2.40
N ASN B 333 18.61 -15.62 -2.48
CA ASN B 333 18.39 -16.80 -1.62
C ASN B 333 19.21 -16.68 -0.30
N TYR B 334 19.48 -15.42 0.08
CA TYR B 334 20.08 -15.03 1.36
C TYR B 334 21.44 -15.65 1.59
N LYS B 335 22.21 -15.81 0.50
CA LYS B 335 23.59 -16.29 0.56
C LYS B 335 24.49 -15.13 0.15
N PRO B 336 25.68 -15.03 0.75
CA PRO B 336 26.62 -13.94 0.39
C PRO B 336 27.23 -14.06 -1.02
N LYS B 337 27.90 -12.99 -1.46
CA LYS B 337 28.51 -12.94 -2.79
C LYS B 337 30.03 -12.84 -2.66
N GLN B 338 30.75 -12.85 -3.78
CA GLN B 338 32.20 -12.57 -3.74
C GLN B 338 32.39 -11.33 -2.90
N ALA B 339 31.68 -10.27 -3.29
CA ALA B 339 31.76 -8.96 -2.62
C ALA B 339 31.71 -9.07 -1.10
N TYR B 340 30.79 -9.88 -0.58
CA TYR B 340 30.71 -10.09 0.87
C TYR B 340 32.08 -10.47 1.44
N ASN B 341 32.56 -11.66 1.07
CA ASN B 341 33.84 -12.19 1.56
C ASN B 341 35.10 -11.36 1.26
N ALA B 342 35.05 -10.49 0.25
CA ALA B 342 36.14 -9.56 0.02
C ALA B 342 36.14 -8.45 1.09
N VAL B 343 34.94 -8.03 1.49
CA VAL B 343 34.78 -6.97 2.50
C VAL B 343 34.97 -7.49 3.93
N LYS B 344 34.58 -8.73 4.19
CA LYS B 344 34.78 -9.32 5.51
C LYS B 344 36.26 -9.49 5.85
N ASN B 345 37.03 -10.09 4.96
CA ASN B 345 38.48 -10.28 5.16
C ASN B 345 39.27 -9.22 4.39
N PHE B 346 39.95 -8.35 5.13
CA PHE B 346 40.59 -7.16 4.55
C PHE B 346 42.01 -6.96 5.10
C1 XYP C . -18.93 -17.59 -0.19
C2 XYP C . -20.18 -16.64 -0.38
C3 XYP C . -19.95 -15.47 -1.31
C4 XYP C . -18.71 -14.73 -1.06
C5 XYP C . -17.50 -15.63 -0.65
O2 XYP C . -21.24 -17.31 -1.00
O3 XYP C . -21.00 -14.53 -1.12
O4 XYP C . -18.53 -14.14 -2.29
O5 XYP C . -17.80 -17.05 -0.93
C1 XYP C . -18.44 -12.73 -2.49
C2 XYP C . -17.19 -12.09 -1.77
C3 XYP C . -16.77 -10.84 -2.58
C4 XYP C . -16.20 -11.30 -3.92
C5 XYP C . -16.97 -12.56 -4.43
O2 XYP C . -17.53 -11.68 -0.46
O3 XYP C . -15.85 -9.93 -1.89
O4 XYP C . -16.30 -10.24 -4.85
O5 XYP C . -18.34 -12.54 -4.01
C1 XYP D . 9.89 0.85 1.13
C2 XYP D . 9.50 2.34 1.31
C3 XYP D . 10.78 3.25 1.15
C4 XYP D . 11.91 2.85 2.08
C5 XYP D . 12.26 1.41 1.77
O2 XYP D . 8.42 2.73 0.36
O3 XYP D . 10.50 4.65 1.33
O4 XYP D . 13.02 3.72 1.72
O5 XYP D . 11.03 0.58 1.95
C1 XYP D . 13.71 4.74 2.53
C2 XYP D . 13.81 6.07 1.77
C3 XYP D . 14.88 6.86 2.41
C4 XYP D . 14.37 7.24 3.77
C5 XYP D . 13.83 5.98 4.53
O2 XYP D . 14.29 5.80 0.53
O3 XYP D . 15.31 8.03 1.62
O4 XYP D . 15.45 7.79 4.47
O5 XYP D . 13.10 5.03 3.77
#